data_6NOM
#
_entry.id   6NOM
#
_entity_poly.entity_id   1
_entity_poly.type   'polypeptide(L)'
_entity_poly.pdbx_seq_one_letter_code
;KTCENLSGTFKGPCIPDGNCNKHCRNNEHLLSGRCRDDFRCWCTNRC
;
_entity_poly.pdbx_strand_id   A
#
# COMPACT_ATOMS: atom_id res chain seq x y z
N LYS A 1 -14.24 -5.54 3.16
CA LYS A 1 -12.81 -5.74 2.84
C LYS A 1 -12.02 -6.05 4.09
N THR A 2 -10.72 -6.19 3.96
CA THR A 2 -9.87 -6.44 5.11
C THR A 2 -9.13 -5.18 5.52
N CYS A 3 -8.34 -5.28 6.57
CA CYS A 3 -7.60 -4.15 7.12
C CYS A 3 -6.87 -3.40 6.02
N GLU A 4 -7.27 -2.17 5.79
CA GLU A 4 -6.70 -1.38 4.74
C GLU A 4 -6.38 0.02 5.23
N ASN A 5 -5.19 0.48 4.89
CA ASN A 5 -4.82 1.84 5.15
C ASN A 5 -4.22 2.43 3.89
N LEU A 6 -4.24 3.73 3.81
CA LEU A 6 -3.65 4.40 2.67
C LEU A 6 -2.20 4.70 2.98
N SER A 7 -1.32 4.16 2.17
CA SER A 7 0.09 4.39 2.31
C SER A 7 0.48 5.66 1.58
N GLY A 8 1.06 6.59 2.29
CA GLY A 8 1.49 7.83 1.71
C GLY A 8 1.56 8.92 2.74
N THR A 9 0.89 10.03 2.44
CA THR A 9 0.85 11.17 3.33
C THR A 9 0.21 10.81 4.67
N PHE A 10 -1.00 10.29 4.61
CA PHE A 10 -1.77 9.96 5.79
C PHE A 10 -1.52 8.52 6.22
N LYS A 11 -1.61 8.28 7.52
CA LYS A 11 -1.66 6.93 8.11
C LYS A 11 -0.58 5.97 7.58
N GLY A 12 0.66 6.45 7.47
CA GLY A 12 1.77 5.58 7.16
C GLY A 12 2.20 5.65 5.70
N PRO A 13 3.51 5.86 5.44
CA PRO A 13 4.06 5.91 4.08
C PRO A 13 4.52 4.55 3.57
N CYS A 14 5.25 4.56 2.46
CA CYS A 14 5.78 3.32 1.86
C CYS A 14 6.93 3.60 0.88
N ILE A 15 6.62 3.94 -0.36
CA ILE A 15 7.65 4.11 -1.40
C ILE A 15 7.34 5.30 -2.33
N PRO A 16 8.36 6.05 -2.74
CA PRO A 16 8.19 7.26 -3.54
C PRO A 16 8.19 7.02 -5.05
N ASP A 17 8.14 5.77 -5.47
CA ASP A 17 8.23 5.44 -6.89
C ASP A 17 6.86 5.41 -7.56
N GLY A 18 5.81 5.25 -6.77
CA GLY A 18 4.46 5.29 -7.32
C GLY A 18 3.92 3.94 -7.73
N ASN A 19 4.78 2.94 -7.71
CA ASN A 19 4.39 1.58 -8.03
C ASN A 19 3.79 0.91 -6.79
N CYS A 20 2.58 1.31 -6.44
CA CYS A 20 1.96 0.88 -5.23
C CYS A 20 1.56 -0.58 -5.25
N ASN A 21 0.64 -0.93 -6.15
CA ASN A 21 0.07 -2.26 -6.15
C ASN A 21 1.13 -3.34 -6.27
N LYS A 22 2.07 -3.18 -7.20
CA LYS A 22 3.08 -4.20 -7.37
C LYS A 22 3.91 -4.37 -6.10
N HIS A 23 4.05 -3.32 -5.30
CA HIS A 23 4.86 -3.40 -4.11
C HIS A 23 4.21 -4.34 -3.10
N CYS A 24 3.06 -3.97 -2.56
CA CYS A 24 2.41 -4.78 -1.52
C CYS A 24 2.05 -6.17 -2.06
N ARG A 25 1.87 -6.29 -3.37
CA ARG A 25 1.44 -7.55 -3.96
C ARG A 25 2.61 -8.47 -4.28
N ASN A 26 3.76 -7.90 -4.62
CA ASN A 26 4.89 -8.73 -5.03
C ASN A 26 5.64 -9.26 -3.82
N ASN A 27 5.94 -8.38 -2.88
CA ASN A 27 6.77 -8.76 -1.74
C ASN A 27 5.93 -9.35 -0.62
N GLU A 28 4.73 -8.81 -0.42
CA GLU A 28 3.90 -9.21 0.70
C GLU A 28 2.65 -9.95 0.22
N HIS A 29 2.30 -9.73 -1.04
CA HIS A 29 1.14 -10.34 -1.67
C HIS A 29 -0.14 -10.02 -0.89
N LEU A 30 -0.47 -8.74 -0.79
CA LEU A 30 -1.67 -8.32 -0.10
C LEU A 30 -2.89 -8.42 -1.00
N LEU A 31 -4.00 -7.84 -0.55
CA LEU A 31 -5.26 -7.91 -1.29
C LEU A 31 -5.40 -6.74 -2.26
N SER A 32 -5.22 -5.52 -1.75
CA SER A 32 -5.29 -4.35 -2.64
C SER A 32 -3.90 -3.88 -3.03
N GLY A 33 -3.00 -4.09 -2.09
CA GLY A 33 -1.58 -3.96 -2.33
C GLY A 33 -1.12 -2.59 -2.80
N ARG A 34 -1.90 -1.56 -2.55
CA ARG A 34 -1.60 -0.21 -3.03
C ARG A 34 -0.52 0.49 -2.15
N CYS A 35 0.77 0.24 -2.37
CA CYS A 35 1.85 0.85 -1.56
C CYS A 35 2.59 2.08 -2.17
N ARG A 36 2.46 3.29 -1.60
CA ARG A 36 3.39 4.40 -1.90
C ARG A 36 3.65 5.30 -0.69
N ASP A 37 4.52 6.30 -0.90
CA ASP A 37 4.87 7.29 0.13
C ASP A 37 4.62 8.70 -0.39
N ASP A 38 5.44 9.12 -1.35
CA ASP A 38 5.24 10.39 -2.05
C ASP A 38 3.89 10.38 -2.74
N PHE A 39 3.50 9.19 -3.16
CA PHE A 39 2.22 8.95 -3.76
C PHE A 39 1.31 8.25 -2.75
N ARG A 40 0.00 8.22 -2.99
CA ARG A 40 -0.90 7.60 -2.03
C ARG A 40 -1.71 6.46 -2.67
N CYS A 41 -1.52 5.26 -2.12
CA CYS A 41 -2.28 4.06 -2.50
C CYS A 41 -2.77 3.29 -1.24
N TRP A 42 -3.96 2.66 -1.29
CA TRP A 42 -4.48 1.85 -0.14
C TRP A 42 -4.05 0.35 -0.17
N CYS A 43 -3.16 -0.10 0.73
CA CYS A 43 -2.90 -1.55 0.82
C CYS A 43 -3.91 -2.21 1.76
N THR A 44 -4.46 -3.33 1.32
CA THR A 44 -5.45 -4.09 2.10
C THR A 44 -4.95 -5.49 2.38
N ASN A 45 -5.06 -5.92 3.64
CA ASN A 45 -4.70 -7.27 4.05
C ASN A 45 -5.37 -7.56 5.39
N ARG A 46 -5.14 -8.75 5.93
CA ARG A 46 -5.77 -9.14 7.17
C ARG A 46 -4.81 -8.85 8.32
N CYS A 47 -5.21 -7.97 9.23
CA CYS A 47 -4.33 -7.54 10.30
C CYS A 47 -4.60 -8.35 11.57
N LYS A 1 -14.02 -5.69 4.09
CA LYS A 1 -12.60 -5.78 3.68
C LYS A 1 -11.73 -6.11 4.89
N THR A 2 -10.43 -6.22 4.64
CA THR A 2 -9.45 -6.45 5.70
C THR A 2 -8.74 -5.13 6.01
N CYS A 3 -7.82 -5.16 6.95
CA CYS A 3 -7.17 -3.93 7.41
C CYS A 3 -6.53 -3.21 6.24
N GLU A 4 -7.05 -2.03 5.94
CA GLU A 4 -6.63 -1.28 4.77
C GLU A 4 -6.30 0.15 5.17
N ASN A 5 -5.29 0.71 4.54
CA ASN A 5 -5.02 2.12 4.73
C ASN A 5 -4.41 2.69 3.47
N LEU A 6 -4.60 3.98 3.33
CA LEU A 6 -3.99 4.72 2.26
C LEU A 6 -2.62 5.18 2.75
N SER A 7 -1.58 4.83 2.03
CA SER A 7 -0.23 5.05 2.48
C SER A 7 0.36 6.34 1.91
N GLY A 8 1.27 6.94 2.66
CA GLY A 8 1.96 8.13 2.21
C GLY A 8 1.76 9.26 3.19
N THR A 9 1.18 10.35 2.74
CA THR A 9 0.79 11.42 3.63
C THR A 9 -0.35 10.93 4.53
N PHE A 10 -1.08 9.95 4.00
CA PHE A 10 -2.16 9.30 4.72
C PHE A 10 -1.66 8.10 5.49
N LYS A 11 -2.16 7.97 6.72
CA LYS A 11 -2.06 6.72 7.49
C LYS A 11 -0.63 6.15 7.53
N GLY A 12 0.36 7.01 7.52
CA GLY A 12 1.75 6.57 7.52
C GLY A 12 2.31 6.39 6.12
N PRO A 13 3.58 6.73 5.91
CA PRO A 13 4.23 6.65 4.60
C PRO A 13 4.53 5.21 4.17
N CYS A 14 5.14 5.06 3.00
CA CYS A 14 5.52 3.74 2.51
C CYS A 14 6.68 3.83 1.51
N ILE A 15 6.38 3.99 0.22
CA ILE A 15 7.43 3.96 -0.81
C ILE A 15 7.15 4.99 -1.92
N PRO A 16 8.16 5.78 -2.29
CA PRO A 16 8.00 6.87 -3.23
C PRO A 16 8.27 6.45 -4.67
N ASP A 17 8.11 5.17 -4.96
CA ASP A 17 8.38 4.67 -6.30
C ASP A 17 7.13 4.71 -7.18
N GLY A 18 5.97 4.73 -6.55
CA GLY A 18 4.72 4.73 -7.31
C GLY A 18 4.26 3.33 -7.67
N ASN A 19 5.07 2.37 -7.27
CA ASN A 19 4.84 0.95 -7.52
C ASN A 19 3.93 0.33 -6.46
N CYS A 20 2.95 1.11 -5.98
CA CYS A 20 2.13 0.67 -4.87
C CYS A 20 1.59 -0.73 -5.05
N ASN A 21 0.95 -0.97 -6.18
CA ASN A 21 0.31 -2.25 -6.44
C ASN A 21 1.32 -3.39 -6.40
N LYS A 22 2.30 -3.28 -7.26
CA LYS A 22 3.25 -4.36 -7.43
C LYS A 22 4.10 -4.58 -6.18
N HIS A 23 4.41 -3.53 -5.42
CA HIS A 23 5.22 -3.71 -4.24
C HIS A 23 4.48 -4.56 -3.20
N CYS A 24 3.26 -4.16 -2.87
CA CYS A 24 2.46 -4.92 -1.92
C CYS A 24 2.19 -6.32 -2.47
N ARG A 25 1.71 -6.38 -3.70
CA ARG A 25 1.10 -7.59 -4.23
C ARG A 25 2.14 -8.62 -4.66
N ASN A 26 3.22 -8.15 -5.25
CA ASN A 26 4.26 -9.05 -5.74
C ASN A 26 5.14 -9.54 -4.60
N ASN A 27 5.50 -8.62 -3.71
CA ASN A 27 6.48 -8.92 -2.68
C ASN A 27 5.83 -9.57 -1.47
N GLU A 28 4.75 -8.97 -0.97
CA GLU A 28 4.14 -9.45 0.26
C GLU A 28 2.77 -10.10 -0.01
N HIS A 29 2.21 -9.77 -1.18
CA HIS A 29 1.01 -10.41 -1.72
C HIS A 29 -0.23 -10.04 -0.92
N LEU A 30 -0.37 -8.75 -0.62
CA LEU A 30 -1.54 -8.25 0.10
C LEU A 30 -2.78 -8.30 -0.77
N LEU A 31 -3.85 -7.72 -0.29
CA LEU A 31 -5.14 -7.86 -0.95
C LEU A 31 -5.40 -6.78 -1.98
N SER A 32 -5.26 -5.51 -1.58
CA SER A 32 -5.45 -4.43 -2.55
C SER A 32 -4.12 -3.89 -3.00
N GLY A 33 -3.15 -4.02 -2.12
CA GLY A 33 -1.77 -3.84 -2.47
C GLY A 33 -1.43 -2.49 -3.05
N ARG A 34 -1.98 -1.41 -2.57
CA ARG A 34 -1.52 -0.12 -3.05
C ARG A 34 -0.60 0.54 -1.98
N CYS A 35 0.69 0.21 -1.94
CA CYS A 35 1.63 0.90 -1.04
C CYS A 35 2.47 2.00 -1.71
N ARG A 36 2.34 3.25 -1.26
CA ARG A 36 3.17 4.37 -1.77
C ARG A 36 3.45 5.40 -0.67
N ASP A 37 4.35 6.34 -0.97
CA ASP A 37 4.75 7.39 -0.02
C ASP A 37 4.52 8.78 -0.62
N ASP A 38 5.36 9.15 -1.59
CA ASP A 38 5.22 10.44 -2.28
C ASP A 38 3.89 10.49 -3.00
N PHE A 39 3.46 9.32 -3.44
CA PHE A 39 2.17 9.12 -4.03
C PHE A 39 1.33 8.36 -3.02
N ARG A 40 0.04 8.30 -3.20
CA ARG A 40 -0.80 7.70 -2.17
C ARG A 40 -1.64 6.57 -2.73
N CYS A 41 -1.46 5.40 -2.13
CA CYS A 41 -2.16 4.21 -2.54
C CYS A 41 -2.80 3.45 -1.33
N TRP A 42 -3.99 2.84 -1.53
CA TRP A 42 -4.66 2.01 -0.46
C TRP A 42 -4.19 0.54 -0.45
N CYS A 43 -3.36 0.12 0.50
CA CYS A 43 -3.01 -1.31 0.55
C CYS A 43 -3.78 -2.01 1.66
N THR A 44 -4.57 -3.02 1.26
CA THR A 44 -5.36 -3.83 2.19
C THR A 44 -4.63 -5.12 2.50
N ASN A 45 -4.59 -5.49 3.77
CA ASN A 45 -3.91 -6.71 4.20
C ASN A 45 -4.73 -7.43 5.26
N ARG A 46 -4.33 -8.65 5.58
CA ARG A 46 -5.05 -9.47 6.55
C ARG A 46 -4.60 -9.16 7.97
N CYS A 47 -5.54 -8.75 8.80
CA CYS A 47 -5.28 -8.49 10.20
C CYS A 47 -6.28 -9.25 11.05
N LYS A 1 -14.59 -4.64 3.58
CA LYS A 1 -13.22 -4.95 3.11
C LYS A 1 -12.37 -5.44 4.28
N THR A 2 -11.09 -5.61 4.04
CA THR A 2 -10.15 -6.00 5.06
C THR A 2 -9.36 -4.79 5.52
N CYS A 3 -8.50 -4.95 6.51
CA CYS A 3 -7.81 -3.80 7.09
C CYS A 3 -7.01 -3.08 6.00
N GLU A 4 -7.43 -1.88 5.70
CA GLU A 4 -6.85 -1.15 4.59
C GLU A 4 -6.32 0.18 5.06
N ASN A 5 -5.19 0.57 4.51
CA ASN A 5 -4.64 1.87 4.78
C ASN A 5 -4.04 2.44 3.53
N LEU A 6 -4.11 3.75 3.43
CA LEU A 6 -3.53 4.44 2.32
C LEU A 6 -2.10 4.82 2.69
N SER A 7 -1.16 4.20 2.01
CA SER A 7 0.24 4.32 2.39
C SER A 7 0.79 5.70 2.06
N GLY A 8 1.89 6.06 2.69
CA GLY A 8 2.59 7.27 2.34
C GLY A 8 2.50 8.32 3.41
N THR A 9 1.56 9.23 3.25
CA THR A 9 1.39 10.32 4.21
C THR A 9 0.49 9.89 5.37
N PHE A 10 -0.62 9.22 5.06
CA PHE A 10 -1.51 8.74 6.09
C PHE A 10 -1.11 7.34 6.49
N LYS A 11 -1.36 6.98 7.74
CA LYS A 11 -1.44 5.57 8.12
C LYS A 11 -0.15 4.81 7.87
N GLY A 12 0.97 5.52 7.86
CA GLY A 12 2.26 4.88 7.65
C GLY A 12 2.78 5.10 6.23
N PRO A 13 4.07 5.45 6.09
CA PRO A 13 4.67 5.75 4.78
C PRO A 13 5.04 4.50 3.98
N CYS A 14 5.67 4.72 2.84
CA CYS A 14 6.09 3.65 1.95
C CYS A 14 7.06 4.24 0.92
N ILE A 15 7.20 3.62 -0.24
CA ILE A 15 8.18 4.07 -1.23
C ILE A 15 7.58 5.08 -2.23
N PRO A 16 8.22 6.23 -2.45
CA PRO A 16 7.69 7.29 -3.29
C PRO A 16 7.91 7.04 -4.80
N ASP A 17 7.45 5.88 -5.28
CA ASP A 17 7.65 5.53 -6.69
C ASP A 17 6.34 5.48 -7.46
N GLY A 18 5.22 5.35 -6.74
CA GLY A 18 3.92 5.28 -7.41
C GLY A 18 3.52 3.85 -7.72
N ASN A 19 4.46 2.96 -7.51
CA ASN A 19 4.34 1.53 -7.81
C ASN A 19 3.59 0.79 -6.71
N CYS A 20 2.47 1.36 -6.31
CA CYS A 20 1.72 0.87 -5.19
C CYS A 20 1.41 -0.62 -5.27
N ASN A 21 0.60 -1.03 -6.24
CA ASN A 21 0.14 -2.41 -6.32
C ASN A 21 1.29 -3.39 -6.30
N LYS A 22 2.19 -3.27 -7.26
CA LYS A 22 3.25 -4.24 -7.42
C LYS A 22 4.13 -4.36 -6.18
N HIS A 23 4.36 -3.27 -5.46
CA HIS A 23 5.19 -3.33 -4.26
C HIS A 23 4.53 -4.19 -3.19
N CYS A 24 3.34 -3.82 -2.79
CA CYS A 24 2.65 -4.52 -1.71
C CYS A 24 2.32 -5.95 -2.11
N ARG A 25 2.05 -6.16 -3.39
CA ARG A 25 1.55 -7.46 -3.86
C ARG A 25 2.66 -8.44 -4.18
N ASN A 26 3.75 -7.96 -4.74
CA ASN A 26 4.84 -8.86 -5.12
C ASN A 26 5.80 -9.07 -3.96
N ASN A 27 5.96 -8.06 -3.12
CA ASN A 27 6.89 -8.14 -2.00
C ASN A 27 6.24 -8.75 -0.78
N GLU A 28 5.07 -8.25 -0.39
CA GLU A 28 4.42 -8.72 0.81
C GLU A 28 3.18 -9.56 0.49
N HIS A 29 2.68 -9.39 -0.73
CA HIS A 29 1.55 -10.15 -1.26
C HIS A 29 0.28 -9.86 -0.45
N LEU A 30 -0.08 -8.60 -0.34
CA LEU A 30 -1.29 -8.24 0.38
C LEU A 30 -2.51 -8.29 -0.53
N LEU A 31 -3.61 -7.69 -0.10
CA LEU A 31 -4.89 -7.86 -0.80
C LEU A 31 -5.11 -6.83 -1.91
N SER A 32 -4.91 -5.56 -1.59
CA SER A 32 -5.13 -4.52 -2.60
C SER A 32 -3.80 -3.96 -3.00
N GLY A 33 -2.94 -4.02 -2.04
CA GLY A 33 -1.54 -3.88 -2.25
C GLY A 33 -1.10 -2.58 -2.86
N ARG A 34 -1.70 -1.47 -2.51
CA ARG A 34 -1.26 -0.23 -3.10
C ARG A 34 -0.22 0.50 -2.21
N CYS A 35 1.04 0.03 -2.17
CA CYS A 35 2.08 0.67 -1.34
C CYS A 35 2.99 1.66 -2.08
N ARG A 36 3.01 2.91 -1.60
CA ARG A 36 3.97 3.98 -2.02
C ARG A 36 3.91 5.14 -1.06
N ASP A 37 4.68 6.16 -1.40
CA ASP A 37 4.69 7.43 -0.71
C ASP A 37 4.57 8.52 -1.78
N ASP A 38 4.17 9.71 -1.37
CA ASP A 38 3.98 10.86 -2.27
C ASP A 38 2.68 10.72 -3.04
N PHE A 39 2.54 9.59 -3.69
CA PHE A 39 1.34 9.23 -4.42
C PHE A 39 0.33 8.66 -3.43
N ARG A 40 -0.92 8.46 -3.84
CA ARG A 40 -1.88 7.88 -2.91
C ARG A 40 -2.48 6.62 -3.50
N CYS A 41 -2.17 5.51 -2.85
CA CYS A 41 -2.70 4.20 -3.18
C CYS A 41 -3.01 3.40 -1.85
N TRP A 42 -4.20 2.79 -1.72
CA TRP A 42 -4.57 2.00 -0.50
C TRP A 42 -4.10 0.51 -0.53
N CYS A 43 -3.26 0.08 0.43
CA CYS A 43 -2.94 -1.35 0.52
C CYS A 43 -3.78 -2.02 1.61
N THR A 44 -4.55 -3.02 1.19
CA THR A 44 -5.43 -3.76 2.10
C THR A 44 -4.79 -5.09 2.50
N ASN A 45 -5.01 -5.51 3.75
CA ASN A 45 -4.46 -6.76 4.26
C ASN A 45 -5.45 -7.40 5.24
N ARG A 46 -5.11 -8.56 5.78
CA ARG A 46 -5.95 -9.23 6.76
C ARG A 46 -5.47 -8.89 8.17
N CYS A 47 -6.38 -8.40 9.00
CA CYS A 47 -6.08 -8.08 10.37
C CYS A 47 -7.14 -8.66 11.29
N LYS A 1 -13.65 -5.98 2.41
CA LYS A 1 -12.21 -5.69 2.53
C LYS A 1 -11.68 -6.07 3.90
N THR A 2 -10.37 -6.17 3.98
CA THR A 2 -9.67 -6.29 5.24
C THR A 2 -9.06 -4.94 5.57
N CYS A 3 -8.36 -4.85 6.67
CA CYS A 3 -7.80 -3.59 7.14
C CYS A 3 -7.02 -2.90 6.00
N GLU A 4 -7.53 -1.77 5.55
CA GLU A 4 -6.93 -1.09 4.42
C GLU A 4 -6.57 0.33 4.81
N ASN A 5 -5.47 0.81 4.27
CA ASN A 5 -5.06 2.17 4.52
C ASN A 5 -4.46 2.76 3.26
N LEU A 6 -4.60 4.05 3.13
CA LEU A 6 -4.02 4.76 2.01
C LEU A 6 -2.61 5.18 2.39
N SER A 7 -1.64 4.57 1.74
CA SER A 7 -0.26 4.79 2.05
C SER A 7 0.23 6.09 1.43
N GLY A 8 0.82 6.92 2.26
CA GLY A 8 1.39 8.17 1.79
C GLY A 8 1.94 9.00 2.92
N THR A 9 1.18 9.05 4.01
CA THR A 9 1.57 9.84 5.19
C THR A 9 0.48 9.72 6.25
N PHE A 10 -0.77 9.72 5.78
CA PHE A 10 -1.89 9.51 6.66
C PHE A 10 -2.11 8.01 6.79
N LYS A 11 -2.44 7.59 8.01
CA LYS A 11 -2.69 6.18 8.34
C LYS A 11 -1.59 5.24 7.80
N GLY A 12 -0.36 5.75 7.71
CA GLY A 12 0.76 4.93 7.30
C GLY A 12 1.19 5.17 5.85
N PRO A 13 2.47 5.49 5.62
CA PRO A 13 3.05 5.61 4.29
C PRO A 13 3.67 4.29 3.83
N CYS A 14 4.29 4.28 2.64
CA CYS A 14 4.91 3.06 2.14
C CYS A 14 6.21 3.36 1.38
N ILE A 15 6.15 3.43 0.05
CA ILE A 15 7.37 3.64 -0.75
C ILE A 15 7.21 4.78 -1.78
N PRO A 16 8.18 5.69 -1.88
CA PRO A 16 8.08 6.86 -2.76
C PRO A 16 8.31 6.52 -4.24
N ASP A 17 8.21 5.24 -4.57
CA ASP A 17 8.51 4.78 -5.92
C ASP A 17 7.27 4.85 -6.82
N GLY A 18 6.08 4.87 -6.21
CA GLY A 18 4.85 5.14 -6.96
C GLY A 18 4.22 3.94 -7.60
N ASN A 19 4.91 2.83 -7.54
CA ASN A 19 4.45 1.57 -8.10
C ASN A 19 3.74 0.78 -7.01
N CYS A 20 2.62 1.30 -6.56
CA CYS A 20 1.95 0.80 -5.41
C CYS A 20 1.56 -0.66 -5.54
N ASN A 21 0.75 -0.97 -6.54
CA ASN A 21 0.17 -2.31 -6.67
C ASN A 21 1.23 -3.38 -6.69
N LYS A 22 2.17 -3.28 -7.60
CA LYS A 22 3.16 -4.33 -7.79
C LYS A 22 4.00 -4.54 -6.54
N HIS A 23 4.24 -3.48 -5.77
CA HIS A 23 5.07 -3.62 -4.58
C HIS A 23 4.39 -4.48 -3.54
N CYS A 24 3.28 -4.01 -3.00
CA CYS A 24 2.57 -4.76 -1.96
C CYS A 24 2.33 -6.19 -2.39
N ARG A 25 2.09 -6.38 -3.67
CA ARG A 25 1.63 -7.66 -4.19
C ARG A 25 2.76 -8.62 -4.53
N ASN A 26 3.89 -8.10 -4.97
CA ASN A 26 4.97 -8.98 -5.42
C ASN A 26 5.83 -9.45 -4.25
N ASN A 27 6.27 -8.52 -3.44
CA ASN A 27 7.18 -8.83 -2.35
C ASN A 27 6.43 -9.24 -1.08
N GLU A 28 5.32 -8.58 -0.78
CA GLU A 28 4.60 -8.89 0.45
C GLU A 28 3.29 -9.64 0.17
N HIS A 29 2.79 -9.51 -1.06
CA HIS A 29 1.59 -10.18 -1.52
C HIS A 29 0.38 -9.80 -0.63
N LEU A 30 0.11 -8.50 -0.52
CA LEU A 30 -1.04 -8.06 0.26
C LEU A 30 -2.31 -8.14 -0.57
N LEU A 31 -3.41 -7.59 -0.08
CA LEU A 31 -4.71 -7.82 -0.70
C LEU A 31 -5.06 -6.79 -1.76
N SER A 32 -4.98 -5.50 -1.43
CA SER A 32 -5.25 -4.47 -2.46
C SER A 32 -3.93 -4.03 -3.07
N GLY A 33 -2.89 -4.19 -2.29
CA GLY A 33 -1.54 -3.96 -2.73
C GLY A 33 -1.24 -2.56 -3.21
N ARG A 34 -2.02 -1.57 -2.85
CA ARG A 34 -1.73 -0.22 -3.28
C ARG A 34 -0.67 0.45 -2.35
N CYS A 35 0.61 0.07 -2.49
CA CYS A 35 1.71 0.63 -1.66
C CYS A 35 2.55 1.77 -2.29
N ARG A 36 2.47 2.99 -1.72
CA ARG A 36 3.45 4.03 -2.04
C ARG A 36 3.45 5.15 -0.98
N ASP A 37 4.35 6.12 -1.15
CA ASP A 37 4.58 7.15 -0.13
C ASP A 37 4.35 8.55 -0.69
N ASP A 38 5.29 9.02 -1.52
CA ASP A 38 5.19 10.34 -2.15
C ASP A 38 3.96 10.39 -3.06
N PHE A 39 3.57 9.21 -3.52
CA PHE A 39 2.32 9.04 -4.22
C PHE A 39 1.43 8.19 -3.32
N ARG A 40 0.12 8.18 -3.53
CA ARG A 40 -0.75 7.57 -2.53
C ARG A 40 -1.63 6.46 -3.13
N CYS A 41 -1.50 5.27 -2.55
CA CYS A 41 -2.32 4.10 -2.92
C CYS A 41 -2.90 3.38 -1.66
N TRP A 42 -4.12 2.81 -1.75
CA TRP A 42 -4.74 2.02 -0.65
C TRP A 42 -4.30 0.52 -0.61
N CYS A 43 -3.39 0.13 0.27
CA CYS A 43 -3.03 -1.29 0.35
C CYS A 43 -3.82 -1.96 1.48
N THR A 44 -4.55 -3.00 1.11
CA THR A 44 -5.37 -3.75 2.06
C THR A 44 -4.62 -4.98 2.58
N ASN A 45 -4.72 -5.22 3.89
CA ASN A 45 -4.14 -6.39 4.52
C ASN A 45 -4.93 -6.72 5.79
N ARG A 46 -4.57 -7.80 6.47
CA ARG A 46 -5.29 -8.19 7.68
C ARG A 46 -4.56 -7.67 8.90
N CYS A 47 -5.22 -6.85 9.70
CA CYS A 47 -4.63 -6.33 10.90
C CYS A 47 -5.05 -7.19 12.10
N LYS A 1 -13.50 -6.91 2.59
CA LYS A 1 -12.19 -6.24 2.65
C LYS A 1 -11.60 -6.33 4.05
N THR A 2 -10.29 -6.44 4.09
CA THR A 2 -9.54 -6.51 5.33
C THR A 2 -8.91 -5.17 5.62
N CYS A 3 -8.17 -5.08 6.70
CA CYS A 3 -7.58 -3.83 7.14
C CYS A 3 -6.88 -3.12 5.99
N GLU A 4 -7.43 -1.99 5.60
CA GLU A 4 -6.90 -1.22 4.49
C GLU A 4 -6.59 0.19 4.93
N ASN A 5 -5.44 0.68 4.53
CA ASN A 5 -5.11 2.06 4.78
C ASN A 5 -4.44 2.65 3.56
N LEU A 6 -4.50 3.95 3.45
CA LEU A 6 -3.84 4.64 2.38
C LEU A 6 -2.43 4.95 2.84
N SER A 7 -1.46 4.54 2.05
CA SER A 7 -0.07 4.66 2.43
C SER A 7 0.55 5.95 1.90
N GLY A 8 1.52 6.46 2.63
CA GLY A 8 2.28 7.59 2.17
C GLY A 8 2.03 8.82 2.98
N THR A 9 1.51 9.85 2.33
CA THR A 9 1.13 11.08 3.00
C THR A 9 -0.04 10.79 3.94
N PHE A 10 -0.79 9.75 3.59
CA PHE A 10 -1.88 9.29 4.41
C PHE A 10 -1.38 8.26 5.41
N LYS A 11 -1.89 8.34 6.64
CA LYS A 11 -1.64 7.30 7.63
C LYS A 11 -0.16 7.01 7.79
N GLY A 12 0.23 5.79 7.50
CA GLY A 12 1.63 5.43 7.53
C GLY A 12 2.27 5.46 6.16
N PRO A 13 3.45 6.10 6.05
CA PRO A 13 4.18 6.21 4.78
C PRO A 13 4.80 4.90 4.34
N CYS A 14 4.79 4.64 3.05
CA CYS A 14 5.35 3.39 2.54
C CYS A 14 6.62 3.65 1.72
N ILE A 15 6.49 3.85 0.41
CA ILE A 15 7.66 4.07 -0.45
C ILE A 15 7.33 5.04 -1.59
N PRO A 16 8.23 6.00 -1.86
CA PRO A 16 7.98 7.06 -2.83
C PRO A 16 8.33 6.64 -4.25
N ASP A 17 8.07 5.38 -4.57
CA ASP A 17 8.42 4.83 -5.88
C ASP A 17 7.24 4.82 -6.83
N GLY A 18 6.02 4.89 -6.28
CA GLY A 18 4.83 4.97 -7.12
C GLY A 18 4.51 3.66 -7.82
N ASN A 19 4.72 2.57 -7.10
CA ASN A 19 4.63 1.23 -7.63
C ASN A 19 3.73 0.40 -6.73
N CYS A 20 2.76 1.10 -6.14
CA CYS A 20 2.00 0.60 -5.02
C CYS A 20 1.52 -0.81 -5.20
N ASN A 21 0.92 -1.10 -6.34
CA ASN A 21 0.34 -2.41 -6.57
C ASN A 21 1.38 -3.48 -6.51
N LYS A 22 2.37 -3.40 -7.36
CA LYS A 22 3.34 -4.46 -7.48
C LYS A 22 4.18 -4.61 -6.20
N HIS A 23 4.42 -3.52 -5.47
CA HIS A 23 5.20 -3.63 -4.25
C HIS A 23 4.48 -4.52 -3.23
N CYS A 24 3.25 -4.18 -2.92
CA CYS A 24 2.47 -4.97 -1.97
C CYS A 24 2.26 -6.37 -2.51
N ARG A 25 1.85 -6.46 -3.77
CA ARG A 25 1.28 -7.69 -4.31
C ARG A 25 2.36 -8.68 -4.76
N ASN A 26 3.48 -8.17 -5.25
CA ASN A 26 4.57 -9.04 -5.67
C ASN A 26 5.37 -9.51 -4.47
N ASN A 27 5.62 -8.58 -3.55
CA ASN A 27 6.52 -8.85 -2.44
C ASN A 27 5.80 -9.53 -1.28
N GLU A 28 4.70 -8.93 -0.84
CA GLU A 28 4.01 -9.43 0.34
C GLU A 28 2.68 -10.10 -0.04
N HIS A 29 2.19 -9.77 -1.24
CA HIS A 29 1.05 -10.43 -1.85
C HIS A 29 -0.25 -10.09 -1.11
N LEU A 30 -0.40 -8.82 -0.74
CA LEU A 30 -1.60 -8.37 -0.05
C LEU A 30 -2.83 -8.44 -0.93
N LEU A 31 -3.92 -7.92 -0.41
CA LEU A 31 -5.21 -8.02 -1.08
C LEU A 31 -5.44 -6.87 -2.04
N SER A 32 -5.25 -5.64 -1.58
CA SER A 32 -5.47 -4.49 -2.46
C SER A 32 -4.16 -3.94 -3.01
N GLY A 33 -3.14 -4.13 -2.21
CA GLY A 33 -1.77 -3.92 -2.64
C GLY A 33 -1.44 -2.53 -3.13
N ARG A 34 -1.95 -1.50 -2.51
CA ARG A 34 -1.59 -0.17 -2.90
C ARG A 34 -0.60 0.51 -1.91
N CYS A 35 0.70 0.16 -1.99
CA CYS A 35 1.75 0.83 -1.15
C CYS A 35 2.56 1.94 -1.86
N ARG A 36 2.51 3.18 -1.34
CA ARG A 36 3.45 4.25 -1.76
C ARG A 36 3.67 5.25 -0.65
N ASP A 37 4.49 6.23 -0.98
CA ASP A 37 4.66 7.45 -0.22
C ASP A 37 4.76 8.57 -1.23
N ASP A 38 4.40 9.79 -0.83
CA ASP A 38 4.24 10.93 -1.74
C ASP A 38 2.99 10.76 -2.60
N PHE A 39 2.86 9.60 -3.21
CA PHE A 39 1.72 9.24 -4.01
C PHE A 39 0.74 8.46 -3.14
N ARG A 40 -0.51 8.29 -3.56
CA ARG A 40 -1.50 7.73 -2.66
C ARG A 40 -2.06 6.42 -3.20
N CYS A 41 -1.82 5.37 -2.45
CA CYS A 41 -2.40 4.06 -2.71
C CYS A 41 -2.92 3.38 -1.40
N TRP A 42 -4.12 2.76 -1.44
CA TRP A 42 -4.66 1.98 -0.29
C TRP A 42 -4.25 0.48 -0.32
N CYS A 43 -3.37 0.03 0.57
CA CYS A 43 -3.01 -1.39 0.58
C CYS A 43 -3.78 -2.12 1.68
N THR A 44 -4.40 -3.23 1.30
CA THR A 44 -5.27 -4.00 2.17
C THR A 44 -4.65 -5.34 2.55
N ASN A 45 -4.62 -5.61 3.85
CA ASN A 45 -4.20 -6.91 4.39
C ASN A 45 -4.89 -7.12 5.74
N ARG A 46 -4.55 -8.19 6.45
CA ARG A 46 -5.19 -8.48 7.73
C ARG A 46 -4.31 -7.97 8.85
N CYS A 47 -4.84 -7.03 9.63
CA CYS A 47 -4.05 -6.42 10.69
C CYS A 47 -4.19 -7.20 11.99
N LYS A 1 -14.44 -5.98 3.61
CA LYS A 1 -13.03 -6.05 3.18
C LYS A 1 -12.13 -6.32 4.38
N THR A 2 -10.82 -6.31 4.14
CA THR A 2 -9.86 -6.54 5.19
C THR A 2 -9.26 -5.22 5.64
N CYS A 3 -8.40 -5.27 6.65
CA CYS A 3 -7.78 -4.07 7.17
C CYS A 3 -7.08 -3.31 6.05
N GLU A 4 -7.61 -2.14 5.74
CA GLU A 4 -7.10 -1.36 4.64
C GLU A 4 -6.73 0.03 5.10
N ASN A 5 -5.64 0.53 4.58
CA ASN A 5 -5.28 1.90 4.81
C ASN A 5 -4.62 2.47 3.58
N LEU A 6 -4.70 3.78 3.47
CA LEU A 6 -4.06 4.48 2.39
C LEU A 6 -2.64 4.79 2.85
N SER A 7 -1.66 4.43 2.04
CA SER A 7 -0.28 4.54 2.42
C SER A 7 0.33 5.87 1.98
N GLY A 8 1.40 6.26 2.66
CA GLY A 8 2.15 7.43 2.27
C GLY A 8 1.98 8.56 3.25
N THR A 9 1.39 9.65 2.78
CA THR A 9 1.03 10.74 3.66
C THR A 9 -0.03 10.24 4.64
N PHE A 10 -0.83 9.30 4.16
CA PHE A 10 -1.88 8.69 4.96
C PHE A 10 -1.36 7.44 5.67
N LYS A 11 -1.79 7.28 6.91
CA LYS A 11 -1.75 6.01 7.64
C LYS A 11 -0.40 5.27 7.56
N GLY A 12 0.68 6.00 7.42
CA GLY A 12 1.99 5.37 7.38
C GLY A 12 2.55 5.28 5.97
N PRO A 13 3.81 5.68 5.78
CA PRO A 13 4.47 5.72 4.47
C PRO A 13 4.85 4.34 3.93
N CYS A 14 5.03 4.27 2.61
CA CYS A 14 5.48 3.04 1.98
C CYS A 14 6.72 3.31 1.10
N ILE A 15 6.52 3.79 -0.14
CA ILE A 15 7.65 4.00 -1.07
C ILE A 15 7.38 5.16 -2.03
N PRO A 16 8.43 5.93 -2.37
CA PRO A 16 8.29 7.12 -3.21
C PRO A 16 8.24 6.79 -4.71
N ASP A 17 8.35 5.51 -5.04
CA ASP A 17 8.38 5.09 -6.45
C ASP A 17 6.99 5.14 -7.09
N GLY A 18 5.95 5.11 -6.27
CA GLY A 18 4.59 5.33 -6.75
C GLY A 18 3.95 4.13 -7.39
N ASN A 19 4.66 3.05 -7.40
CA ASN A 19 4.18 1.78 -7.91
C ASN A 19 3.55 0.99 -6.79
N CYS A 20 2.49 1.55 -6.24
CA CYS A 20 1.83 1.02 -5.07
C CYS A 20 1.45 -0.44 -5.22
N ASN A 21 0.85 -0.76 -6.36
CA ASN A 21 0.24 -2.07 -6.54
C ASN A 21 1.27 -3.18 -6.48
N LYS A 22 2.25 -3.10 -7.36
CA LYS A 22 3.25 -4.16 -7.46
C LYS A 22 4.06 -4.30 -6.17
N HIS A 23 4.32 -3.21 -5.46
CA HIS A 23 5.11 -3.31 -4.24
C HIS A 23 4.42 -4.21 -3.23
N CYS A 24 3.18 -3.89 -2.91
CA CYS A 24 2.46 -4.68 -1.92
C CYS A 24 2.23 -6.10 -2.39
N ARG A 25 1.93 -6.24 -3.68
CA ARG A 25 1.41 -7.50 -4.19
C ARG A 25 2.51 -8.47 -4.59
N ASN A 26 3.58 -7.95 -5.15
CA ASN A 26 4.68 -8.80 -5.58
C ASN A 26 5.59 -9.14 -4.41
N ASN A 27 5.81 -8.17 -3.54
CA ASN A 27 6.76 -8.34 -2.46
C ASN A 27 6.12 -8.98 -1.24
N GLU A 28 5.02 -8.40 -0.76
CA GLU A 28 4.38 -8.90 0.45
C GLU A 28 3.12 -9.70 0.12
N HIS A 29 2.59 -9.47 -1.08
CA HIS A 29 1.45 -10.20 -1.62
C HIS A 29 0.19 -9.88 -0.83
N LEU A 30 0.00 -8.59 -0.55
CA LEU A 30 -1.18 -8.15 0.21
C LEU A 30 -2.44 -8.25 -0.64
N LEU A 31 -3.54 -7.75 -0.13
CA LEU A 31 -4.84 -8.00 -0.74
C LEU A 31 -5.22 -6.96 -1.79
N SER A 32 -5.17 -5.69 -1.43
CA SER A 32 -5.43 -4.64 -2.43
C SER A 32 -4.13 -4.06 -2.96
N GLY A 33 -3.15 -4.11 -2.10
CA GLY A 33 -1.78 -3.89 -2.47
C GLY A 33 -1.47 -2.55 -3.08
N ARG A 34 -2.05 -1.47 -2.61
CA ARG A 34 -1.64 -0.18 -3.12
C ARG A 34 -0.75 0.56 -2.11
N CYS A 35 0.51 0.18 -1.85
CA CYS A 35 1.34 1.05 -1.01
C CYS A 35 2.36 1.91 -1.77
N ARG A 36 2.39 3.20 -1.42
CA ARG A 36 3.42 4.14 -1.86
C ARG A 36 3.42 5.32 -0.90
N ASP A 37 4.35 6.27 -1.10
CA ASP A 37 4.52 7.36 -0.15
C ASP A 37 4.45 8.73 -0.82
N ASP A 38 5.31 8.96 -1.81
CA ASP A 38 5.31 10.22 -2.54
C ASP A 38 3.97 10.36 -3.29
N PHE A 39 3.35 9.21 -3.51
CA PHE A 39 2.01 9.14 -4.06
C PHE A 39 1.18 8.33 -3.07
N ARG A 40 -0.14 8.37 -3.17
CA ARG A 40 -0.97 7.73 -2.17
C ARG A 40 -1.85 6.63 -2.78
N CYS A 41 -1.70 5.43 -2.23
CA CYS A 41 -2.47 4.27 -2.67
C CYS A 41 -3.03 3.47 -1.45
N TRP A 42 -4.21 2.85 -1.58
CA TRP A 42 -4.80 2.01 -0.48
C TRP A 42 -4.31 0.53 -0.48
N CYS A 43 -3.47 0.13 0.46
CA CYS A 43 -3.08 -1.29 0.52
C CYS A 43 -3.83 -2.02 1.64
N THR A 44 -4.47 -3.12 1.29
CA THR A 44 -5.30 -3.88 2.20
C THR A 44 -4.66 -5.21 2.57
N ASN A 45 -4.83 -5.61 3.83
CA ASN A 45 -4.36 -6.89 4.33
C ASN A 45 -5.08 -7.22 5.65
N ARG A 46 -4.66 -8.27 6.34
CA ARG A 46 -5.29 -8.62 7.60
C ARG A 46 -4.43 -8.10 8.75
N CYS A 47 -5.01 -7.26 9.60
CA CYS A 47 -4.28 -6.67 10.69
C CYS A 47 -4.47 -7.47 11.98
N LYS A 1 -14.52 -5.52 3.13
CA LYS A 1 -13.07 -5.69 2.83
C LYS A 1 -12.31 -6.07 4.10
N THR A 2 -11.01 -6.24 3.96
CA THR A 2 -10.15 -6.52 5.09
C THR A 2 -9.42 -5.25 5.50
N CYS A 3 -8.62 -5.34 6.54
CA CYS A 3 -7.93 -4.18 7.12
C CYS A 3 -7.14 -3.46 6.04
N GLU A 4 -7.54 -2.24 5.73
CA GLU A 4 -6.92 -1.49 4.67
C GLU A 4 -6.45 -0.14 5.19
N ASN A 5 -5.32 0.31 4.70
CA ASN A 5 -4.85 1.65 5.01
C ASN A 5 -4.17 2.25 3.82
N LEU A 6 -4.16 3.57 3.79
CA LEU A 6 -3.50 4.31 2.74
C LEU A 6 -2.05 4.53 3.15
N SER A 7 -1.15 4.31 2.22
CA SER A 7 0.26 4.52 2.46
C SER A 7 0.70 5.88 1.89
N GLY A 8 1.48 6.60 2.66
CA GLY A 8 1.97 7.88 2.23
C GLY A 8 2.02 8.87 3.37
N THR A 9 1.40 10.03 3.19
CA THR A 9 1.20 10.95 4.29
C THR A 9 0.21 10.32 5.27
N PHE A 10 -0.60 9.42 4.72
CA PHE A 10 -1.56 8.65 5.47
C PHE A 10 -0.92 7.39 6.01
N LYS A 11 -1.16 7.11 7.30
CA LYS A 11 -0.87 5.81 7.90
C LYS A 11 0.54 5.28 7.59
N GLY A 12 1.52 6.18 7.51
CA GLY A 12 2.89 5.76 7.30
C GLY A 12 3.28 5.72 5.83
N PRO A 13 4.57 5.94 5.51
CA PRO A 13 5.07 6.01 4.13
C PRO A 13 5.35 4.63 3.53
N CYS A 14 5.97 4.62 2.35
CA CYS A 14 6.30 3.36 1.67
C CYS A 14 7.35 3.59 0.56
N ILE A 15 6.96 4.30 -0.51
CA ILE A 15 7.83 4.46 -1.70
C ILE A 15 7.38 5.63 -2.61
N PRO A 16 8.28 6.32 -3.30
CA PRO A 16 7.95 7.50 -4.10
C PRO A 16 7.72 7.22 -5.60
N ASP A 17 7.88 5.97 -6.02
CA ASP A 17 7.96 5.62 -7.45
C ASP A 17 6.60 5.55 -8.17
N GLY A 18 5.52 5.34 -7.43
CA GLY A 18 4.19 5.27 -8.02
C GLY A 18 3.84 3.86 -8.49
N ASN A 19 4.44 2.89 -7.86
CA ASN A 19 4.23 1.48 -8.14
C ASN A 19 3.65 0.79 -6.92
N CYS A 20 2.56 1.34 -6.40
CA CYS A 20 2.00 0.89 -5.15
C CYS A 20 1.57 -0.56 -5.17
N ASN A 21 0.72 -0.90 -6.11
CA ASN A 21 0.19 -2.26 -6.23
C ASN A 21 1.30 -3.30 -6.14
N LYS A 22 2.22 -3.26 -7.09
CA LYS A 22 3.25 -4.29 -7.20
C LYS A 22 4.12 -4.40 -5.96
N HIS A 23 4.28 -3.33 -5.19
CA HIS A 23 5.09 -3.41 -3.99
C HIS A 23 4.40 -4.26 -2.93
N CYS A 24 3.19 -3.88 -2.54
CA CYS A 24 2.44 -4.64 -1.55
C CYS A 24 2.11 -6.04 -2.07
N ARG A 25 2.18 -6.26 -3.39
CA ARG A 25 1.90 -7.58 -3.94
C ARG A 25 3.14 -8.47 -3.95
N ASN A 26 4.24 -7.96 -4.49
CA ASN A 26 5.43 -8.77 -4.68
C ASN A 26 6.16 -8.99 -3.37
N ASN A 27 6.11 -7.99 -2.50
CA ASN A 27 6.84 -8.04 -1.25
C ASN A 27 6.05 -8.76 -0.17
N GLU A 28 4.82 -8.32 0.07
CA GLU A 28 4.02 -8.91 1.13
C GLU A 28 2.82 -9.68 0.59
N HIS A 29 2.42 -9.33 -0.63
CA HIS A 29 1.31 -9.96 -1.34
C HIS A 29 0.00 -9.69 -0.63
N LEU A 30 -0.36 -8.42 -0.53
CA LEU A 30 -1.61 -8.05 0.10
C LEU A 30 -2.76 -8.10 -0.90
N LEU A 31 -3.92 -7.66 -0.46
CA LEU A 31 -5.16 -7.86 -1.21
C LEU A 31 -5.40 -6.74 -2.21
N SER A 32 -5.30 -5.49 -1.77
CA SER A 32 -5.39 -4.36 -2.70
C SER A 32 -4.02 -3.81 -3.00
N GLY A 33 -3.15 -3.96 -2.03
CA GLY A 33 -1.72 -3.81 -2.24
C GLY A 33 -1.28 -2.47 -2.77
N ARG A 34 -2.00 -1.43 -2.49
CA ARG A 34 -1.66 -0.09 -2.96
C ARG A 34 -0.63 0.60 -2.02
N CYS A 35 0.68 0.31 -2.16
CA CYS A 35 1.72 0.99 -1.33
C CYS A 35 2.49 2.16 -2.00
N ARG A 36 2.35 3.38 -1.45
CA ARG A 36 3.18 4.52 -1.83
C ARG A 36 3.66 5.33 -0.63
N ASP A 37 4.47 6.32 -0.94
CA ASP A 37 4.90 7.36 0.01
C ASP A 37 4.44 8.73 -0.48
N ASP A 38 4.91 9.13 -1.66
CA ASP A 38 4.54 10.42 -2.26
C ASP A 38 3.11 10.39 -2.78
N PHE A 39 2.84 9.37 -3.59
CA PHE A 39 1.51 9.13 -4.13
C PHE A 39 0.66 8.44 -3.08
N ARG A 40 -0.63 8.34 -3.31
CA ARG A 40 -1.50 7.78 -2.29
C ARG A 40 -2.18 6.52 -2.80
N CYS A 41 -1.89 5.41 -2.14
CA CYS A 41 -2.47 4.12 -2.44
C CYS A 41 -2.92 3.37 -1.15
N TRP A 42 -4.04 2.61 -1.18
CA TRP A 42 -4.48 1.79 -0.02
C TRP A 42 -4.16 0.27 -0.18
N CYS A 43 -3.29 -0.32 0.67
CA CYS A 43 -3.15 -1.79 0.65
C CYS A 43 -4.13 -2.41 1.64
N THR A 44 -4.99 -3.27 1.13
CA THR A 44 -5.90 -4.05 1.96
C THR A 44 -5.25 -5.37 2.34
N ASN A 45 -5.38 -5.78 3.59
CA ASN A 45 -4.88 -7.08 4.06
C ASN A 45 -5.60 -7.49 5.35
N ARG A 46 -5.46 -8.74 5.75
CA ARG A 46 -6.16 -9.27 6.92
C ARG A 46 -5.33 -9.07 8.17
N CYS A 47 -5.89 -8.35 9.14
CA CYS A 47 -5.20 -8.11 10.39
C CYS A 47 -5.94 -8.82 11.54
N LYS A 1 -13.96 -5.40 2.90
CA LYS A 1 -12.48 -5.28 2.88
C LYS A 1 -11.85 -5.84 4.14
N THR A 2 -10.54 -6.02 4.09
CA THR A 2 -9.75 -6.29 5.26
C THR A 2 -9.00 -5.02 5.64
N CYS A 3 -8.22 -5.07 6.71
CA CYS A 3 -7.51 -3.90 7.22
C CYS A 3 -6.77 -3.18 6.09
N GLU A 4 -7.22 -1.98 5.79
CA GLU A 4 -6.70 -1.23 4.65
C GLU A 4 -6.32 0.17 5.09
N ASN A 5 -5.29 0.73 4.45
CA ASN A 5 -4.98 2.12 4.66
C ASN A 5 -4.35 2.70 3.42
N LEU A 6 -4.52 4.00 3.27
CA LEU A 6 -3.93 4.72 2.16
C LEU A 6 -2.57 5.21 2.61
N SER A 7 -1.55 4.75 1.93
CA SER A 7 -0.19 5.05 2.32
C SER A 7 0.21 6.43 1.85
N GLY A 8 0.88 7.16 2.71
CA GLY A 8 1.35 8.49 2.36
C GLY A 8 1.50 9.35 3.59
N THR A 9 1.10 10.61 3.48
CA THR A 9 1.24 11.53 4.59
C THR A 9 0.29 11.17 5.74
N PHE A 10 -0.98 10.88 5.44
CA PHE A 10 -1.90 10.44 6.46
C PHE A 10 -1.83 8.93 6.53
N LYS A 11 -2.08 8.37 7.71
CA LYS A 11 -1.96 6.93 7.92
C LYS A 11 -0.48 6.51 7.82
N GLY A 12 -0.22 5.27 7.50
CA GLY A 12 1.15 4.82 7.34
C GLY A 12 1.70 5.12 5.96
N PRO A 13 3.02 5.34 5.84
CA PRO A 13 3.68 5.54 4.55
C PRO A 13 4.09 4.21 3.91
N CYS A 14 4.97 4.25 2.92
CA CYS A 14 5.38 3.05 2.22
C CYS A 14 6.63 3.32 1.37
N ILE A 15 6.44 3.78 0.13
CA ILE A 15 7.55 3.98 -0.80
C ILE A 15 7.23 5.11 -1.80
N PRO A 16 8.23 5.89 -2.21
CA PRO A 16 8.02 7.01 -3.11
C PRO A 16 8.17 6.64 -4.59
N ASP A 17 8.25 5.35 -4.89
CA ASP A 17 8.55 4.90 -6.25
C ASP A 17 7.33 4.91 -7.16
N GLY A 18 6.14 4.85 -6.59
CA GLY A 18 4.92 4.97 -7.38
C GLY A 18 4.34 3.65 -7.84
N ASN A 19 5.06 2.59 -7.61
CA ASN A 19 4.66 1.25 -8.02
C ASN A 19 3.94 0.56 -6.86
N CYS A 20 2.84 1.15 -6.44
CA CYS A 20 2.15 0.71 -5.26
C CYS A 20 1.63 -0.71 -5.38
N ASN A 21 0.89 -0.99 -6.45
CA ASN A 21 0.22 -2.27 -6.60
C ASN A 21 1.20 -3.43 -6.56
N LYS A 22 2.23 -3.34 -7.38
CA LYS A 22 3.18 -4.43 -7.51
C LYS A 22 4.04 -4.57 -6.25
N HIS A 23 4.28 -3.46 -5.55
CA HIS A 23 5.14 -3.53 -4.38
C HIS A 23 4.51 -4.39 -3.30
N CYS A 24 3.25 -4.13 -2.98
CA CYS A 24 2.54 -4.97 -2.03
C CYS A 24 2.50 -6.40 -2.55
N ARG A 25 1.91 -6.58 -3.72
CA ARG A 25 1.59 -7.91 -4.22
C ARG A 25 2.79 -8.79 -4.53
N ASN A 26 3.83 -8.22 -5.07
CA ASN A 26 5.01 -9.02 -5.43
C ASN A 26 5.85 -9.32 -4.19
N ASN A 27 5.97 -8.32 -3.32
CA ASN A 27 6.86 -8.43 -2.18
C ASN A 27 6.19 -9.10 -0.98
N GLU A 28 5.01 -8.61 -0.60
CA GLU A 28 4.33 -9.15 0.57
C GLU A 28 3.04 -9.89 0.19
N HIS A 29 2.50 -9.56 -0.98
CA HIS A 29 1.34 -10.21 -1.55
C HIS A 29 0.09 -9.90 -0.73
N LEU A 30 -0.25 -8.63 -0.65
CA LEU A 30 -1.44 -8.22 0.07
C LEU A 30 -2.65 -8.22 -0.86
N LEU A 31 -3.78 -7.75 -0.36
CA LEU A 31 -5.05 -7.93 -1.07
C LEU A 31 -5.31 -6.83 -2.09
N SER A 32 -5.23 -5.58 -1.65
CA SER A 32 -5.44 -4.48 -2.60
C SER A 32 -4.12 -3.94 -3.09
N GLY A 33 -3.16 -4.08 -2.22
CA GLY A 33 -1.76 -3.94 -2.57
C GLY A 33 -1.36 -2.62 -3.15
N ARG A 34 -2.03 -1.53 -2.83
CA ARG A 34 -1.57 -0.25 -3.32
C ARG A 34 -0.56 0.37 -2.34
N CYS A 35 0.73 -0.02 -2.42
CA CYS A 35 1.78 0.56 -1.55
C CYS A 35 2.62 1.69 -2.18
N ARG A 36 2.42 2.93 -1.75
CA ARG A 36 3.33 4.04 -2.04
C ARG A 36 3.03 5.22 -1.13
N ASP A 37 4.00 6.12 -1.01
CA ASP A 37 3.95 7.20 -0.02
C ASP A 37 3.99 8.58 -0.68
N ASP A 38 5.04 8.86 -1.45
CA ASP A 38 5.13 10.11 -2.21
C ASP A 38 3.90 10.23 -3.11
N PHE A 39 3.49 9.08 -3.61
CA PHE A 39 2.21 8.95 -4.28
C PHE A 39 1.32 8.17 -3.33
N ARG A 40 0.01 8.20 -3.49
CA ARG A 40 -0.85 7.64 -2.46
C ARG A 40 -1.65 6.45 -2.98
N CYS A 41 -1.47 5.31 -2.32
CA CYS A 41 -2.19 4.09 -2.67
C CYS A 41 -2.77 3.36 -1.43
N TRP A 42 -3.99 2.76 -1.57
CA TRP A 42 -4.62 1.94 -0.49
C TRP A 42 -4.16 0.46 -0.54
N CYS A 43 -3.31 0.01 0.37
CA CYS A 43 -2.99 -1.43 0.41
C CYS A 43 -3.77 -2.11 1.54
N THR A 44 -4.46 -3.19 1.17
CA THR A 44 -5.34 -3.91 2.07
C THR A 44 -4.75 -5.27 2.43
N ASN A 45 -4.85 -5.63 3.71
CA ASN A 45 -4.44 -6.95 4.19
C ASN A 45 -5.14 -7.25 5.53
N ARG A 46 -4.89 -8.41 6.11
CA ARG A 46 -5.56 -8.83 7.32
C ARG A 46 -4.73 -8.50 8.54
N CYS A 47 -5.34 -7.84 9.52
CA CYS A 47 -4.63 -7.50 10.75
C CYS A 47 -5.32 -8.16 11.94
N LYS A 1 -14.36 -5.54 2.98
CA LYS A 1 -12.91 -5.63 2.68
C LYS A 1 -12.13 -5.98 3.95
N THR A 2 -10.82 -6.02 3.81
CA THR A 2 -9.94 -6.33 4.92
C THR A 2 -9.29 -5.08 5.46
N CYS A 3 -8.50 -5.21 6.52
CA CYS A 3 -7.86 -4.07 7.16
C CYS A 3 -7.08 -3.26 6.12
N GLU A 4 -7.53 -2.05 5.88
CA GLU A 4 -7.00 -1.27 4.79
C GLU A 4 -6.55 0.10 5.25
N ASN A 5 -5.45 0.56 4.71
CA ASN A 5 -4.99 1.90 4.98
C ASN A 5 -4.40 2.50 3.73
N LEU A 6 -4.50 3.80 3.64
CA LEU A 6 -3.93 4.54 2.54
C LEU A 6 -2.52 4.95 2.92
N SER A 7 -1.55 4.51 2.15
CA SER A 7 -0.16 4.70 2.47
C SER A 7 0.37 6.04 1.92
N GLY A 8 1.22 6.68 2.71
CA GLY A 8 1.82 7.94 2.30
C GLY A 8 1.95 8.88 3.46
N THR A 9 1.41 10.08 3.32
CA THR A 9 1.31 10.99 4.45
C THR A 9 0.25 10.45 5.40
N PHE A 10 -0.67 9.69 4.82
CA PHE A 10 -1.72 9.03 5.55
C PHE A 10 -1.26 7.66 6.01
N LYS A 11 -1.68 7.29 7.22
CA LYS A 11 -1.57 5.91 7.72
C LYS A 11 -0.16 5.33 7.54
N GLY A 12 0.86 6.16 7.63
CA GLY A 12 2.23 5.69 7.51
C GLY A 12 2.73 5.71 6.06
N PRO A 13 4.02 6.01 5.85
CA PRO A 13 4.62 6.08 4.52
C PRO A 13 4.82 4.70 3.90
N CYS A 14 5.59 4.64 2.80
CA CYS A 14 5.78 3.38 2.11
C CYS A 14 6.97 3.43 1.12
N ILE A 15 6.80 4.12 -0.02
CA ILE A 15 7.79 4.07 -1.12
C ILE A 15 7.61 5.25 -2.08
N PRO A 16 8.63 5.58 -2.91
CA PRO A 16 8.56 6.70 -3.84
C PRO A 16 8.35 6.33 -5.34
N ASP A 17 8.28 5.04 -5.67
CA ASP A 17 8.27 4.60 -7.09
C ASP A 17 6.94 4.86 -7.83
N GLY A 18 5.83 4.99 -7.11
CA GLY A 18 4.54 5.32 -7.73
C GLY A 18 3.75 4.12 -8.23
N ASN A 19 4.37 2.95 -8.20
CA ASN A 19 3.70 1.68 -8.49
C ASN A 19 2.53 1.38 -7.54
N CYS A 20 2.83 1.42 -6.25
CA CYS A 20 1.95 1.01 -5.16
C CYS A 20 1.60 -0.47 -5.21
N ASN A 21 0.81 -0.86 -6.19
CA ASN A 21 0.27 -2.21 -6.25
C ASN A 21 1.36 -3.27 -6.26
N LYS A 22 2.22 -3.24 -7.27
CA LYS A 22 3.20 -4.31 -7.44
C LYS A 22 4.08 -4.46 -6.21
N HIS A 23 4.33 -3.38 -5.47
CA HIS A 23 5.15 -3.50 -4.27
C HIS A 23 4.45 -4.38 -3.25
N CYS A 24 3.32 -3.91 -2.73
CA CYS A 24 2.60 -4.67 -1.71
C CYS A 24 2.30 -6.08 -2.17
N ARG A 25 2.04 -6.24 -3.46
CA ARG A 25 1.51 -7.50 -3.98
C ARG A 25 2.59 -8.48 -4.38
N ASN A 26 3.74 -7.99 -4.82
CA ASN A 26 4.77 -8.89 -5.34
C ASN A 26 5.62 -9.46 -4.21
N ASN A 27 6.08 -8.58 -3.33
CA ASN A 27 6.96 -9.00 -2.24
C ASN A 27 6.16 -9.45 -1.02
N GLU A 28 5.18 -8.65 -0.58
CA GLU A 28 4.43 -9.01 0.61
C GLU A 28 3.13 -9.74 0.25
N HIS A 29 2.68 -9.54 -0.99
CA HIS A 29 1.50 -10.20 -1.51
C HIS A 29 0.27 -9.87 -0.66
N LEU A 30 0.01 -8.59 -0.45
CA LEU A 30 -1.17 -8.18 0.30
C LEU A 30 -2.41 -8.27 -0.56
N LEU A 31 -3.51 -7.73 -0.10
CA LEU A 31 -4.79 -7.95 -0.76
C LEU A 31 -5.11 -6.89 -1.81
N SER A 32 -5.04 -5.61 -1.46
CA SER A 32 -5.22 -4.56 -2.47
C SER A 32 -3.89 -3.98 -2.88
N GLY A 33 -2.99 -4.02 -1.94
CA GLY A 33 -1.59 -3.78 -2.21
C GLY A 33 -1.25 -2.43 -2.80
N ARG A 34 -1.98 -1.39 -2.47
CA ARG A 34 -1.61 -0.08 -2.98
C ARG A 34 -0.60 0.60 -2.01
N CYS A 35 0.70 0.30 -2.14
CA CYS A 35 1.74 0.92 -1.29
C CYS A 35 2.44 2.15 -1.93
N ARG A 36 2.30 3.34 -1.34
CA ARG A 36 3.01 4.55 -1.80
C ARG A 36 3.45 5.45 -0.63
N ASP A 37 4.35 6.38 -0.92
CA ASP A 37 4.73 7.43 0.04
C ASP A 37 4.31 8.80 -0.51
N ASP A 38 4.98 9.22 -1.58
CA ASP A 38 4.68 10.49 -2.25
C ASP A 38 3.25 10.49 -2.75
N PHE A 39 2.97 9.51 -3.57
CA PHE A 39 1.65 9.26 -4.10
C PHE A 39 0.84 8.52 -3.05
N ARG A 40 -0.46 8.41 -3.22
CA ARG A 40 -1.26 7.76 -2.20
C ARG A 40 -2.03 6.57 -2.80
N CYS A 41 -1.77 5.41 -2.22
CA CYS A 41 -2.45 4.19 -2.61
C CYS A 41 -2.95 3.42 -1.33
N TRP A 42 -4.15 2.81 -1.38
CA TRP A 42 -4.69 2.00 -0.24
C TRP A 42 -4.19 0.53 -0.25
N CYS A 43 -3.25 0.16 0.61
CA CYS A 43 -2.85 -1.25 0.67
C CYS A 43 -3.66 -1.98 1.75
N THR A 44 -4.33 -3.05 1.33
CA THR A 44 -5.23 -3.78 2.19
C THR A 44 -4.66 -5.14 2.56
N ASN A 45 -4.87 -5.54 3.82
CA ASN A 45 -4.42 -6.81 4.34
C ASN A 45 -5.35 -7.26 5.48
N ARG A 46 -5.38 -8.54 5.78
CA ARG A 46 -6.21 -9.03 6.87
C ARG A 46 -5.42 -9.05 8.17
N CYS A 47 -5.89 -8.27 9.13
CA CYS A 47 -5.20 -8.12 10.40
C CYS A 47 -5.97 -8.85 11.51
N LYS A 1 -13.36 -7.91 3.04
CA LYS A 1 -12.03 -7.26 2.89
C LYS A 1 -11.38 -7.10 4.26
N THR A 2 -10.07 -6.95 4.26
CA THR A 2 -9.29 -6.79 5.47
C THR A 2 -8.91 -5.33 5.66
N CYS A 3 -8.21 -5.06 6.74
CA CYS A 3 -7.85 -3.70 7.12
C CYS A 3 -7.09 -3.02 5.98
N GLU A 4 -7.70 -2.00 5.40
CA GLU A 4 -7.08 -1.29 4.30
C GLU A 4 -6.83 0.15 4.67
N ASN A 5 -5.71 0.68 4.24
CA ASN A 5 -5.42 2.07 4.44
C ASN A 5 -4.67 2.64 3.25
N LEU A 6 -4.81 3.93 3.08
CA LEU A 6 -4.09 4.66 2.08
C LEU A 6 -2.76 5.03 2.67
N SER A 7 -1.68 4.85 1.94
CA SER A 7 -0.36 5.13 2.46
C SER A 7 0.14 6.50 2.01
N GLY A 8 1.18 6.98 2.69
CA GLY A 8 1.76 8.26 2.37
C GLY A 8 1.54 9.26 3.48
N THR A 9 0.93 10.38 3.16
CA THR A 9 0.48 11.32 4.17
C THR A 9 -0.67 10.68 4.95
N PHE A 10 -1.33 9.74 4.29
CA PHE A 10 -2.45 9.02 4.86
C PHE A 10 -1.96 7.79 5.62
N LYS A 11 -2.48 7.61 6.83
CA LYS A 11 -2.40 6.34 7.56
C LYS A 11 -1.00 5.73 7.59
N GLY A 12 0.04 6.56 7.59
CA GLY A 12 1.40 6.06 7.63
C GLY A 12 2.05 5.98 6.25
N PRO A 13 3.37 6.18 6.18
CA PRO A 13 4.10 6.18 4.90
C PRO A 13 4.23 4.80 4.27
N CYS A 14 5.01 4.71 3.20
CA CYS A 14 5.20 3.45 2.49
C CYS A 14 6.50 3.49 1.68
N ILE A 15 6.42 3.95 0.43
CA ILE A 15 7.58 3.98 -0.47
C ILE A 15 7.41 5.08 -1.52
N PRO A 16 8.49 5.76 -1.91
CA PRO A 16 8.42 6.89 -2.82
C PRO A 16 8.52 6.51 -4.30
N ASP A 17 8.73 5.23 -4.58
CA ASP A 17 8.99 4.78 -5.95
C ASP A 17 7.73 4.79 -6.82
N GLY A 18 6.56 4.76 -6.19
CA GLY A 18 5.31 4.92 -6.90
C GLY A 18 4.86 3.68 -7.65
N ASN A 19 5.13 2.54 -7.06
CA ASN A 19 4.91 1.24 -7.66
C ASN A 19 3.89 0.46 -6.84
N CYS A 20 3.04 1.22 -6.15
CA CYS A 20 2.28 0.73 -5.03
C CYS A 20 1.78 -0.70 -5.18
N ASN A 21 0.99 -0.97 -6.21
CA ASN A 21 0.37 -2.28 -6.39
C ASN A 21 1.41 -3.38 -6.42
N LYS A 22 2.42 -3.25 -7.28
CA LYS A 22 3.40 -4.32 -7.42
C LYS A 22 4.26 -4.47 -6.17
N HIS A 23 4.39 -3.41 -5.37
CA HIS A 23 5.12 -3.53 -4.11
C HIS A 23 4.42 -4.55 -3.21
N CYS A 24 3.19 -4.27 -2.86
CA CYS A 24 2.46 -5.16 -2.00
C CYS A 24 2.28 -6.52 -2.67
N ARG A 25 1.68 -6.50 -3.84
CA ARG A 25 1.13 -7.70 -4.46
C ARG A 25 2.21 -8.65 -4.97
N ASN A 26 3.33 -8.10 -5.41
CA ASN A 26 4.39 -8.94 -5.98
C ASN A 26 5.33 -9.40 -4.90
N ASN A 27 5.61 -8.52 -3.95
CA ASN A 27 6.57 -8.82 -2.90
C ASN A 27 5.91 -9.55 -1.73
N GLU A 28 4.83 -8.98 -1.21
CA GLU A 28 4.24 -9.50 0.04
C GLU A 28 2.87 -10.15 -0.19
N HIS A 29 2.23 -9.81 -1.32
CA HIS A 29 1.00 -10.46 -1.75
C HIS A 29 -0.16 -10.01 -0.86
N LEU A 30 -0.22 -8.72 -0.56
CA LEU A 30 -1.32 -8.19 0.25
C LEU A 30 -2.58 -8.12 -0.60
N LEU A 31 -3.65 -7.58 -0.06
CA LEU A 31 -4.95 -7.71 -0.70
C LEU A 31 -5.24 -6.66 -1.75
N SER A 32 -5.14 -5.41 -1.37
CA SER A 32 -5.38 -4.34 -2.35
C SER A 32 -4.07 -3.91 -2.98
N GLY A 33 -3.01 -4.15 -2.23
CA GLY A 33 -1.68 -4.01 -2.74
C GLY A 33 -1.23 -2.60 -3.08
N ARG A 34 -2.04 -1.59 -2.86
CA ARG A 34 -1.65 -0.23 -3.22
C ARG A 34 -0.73 0.41 -2.16
N CYS A 35 0.55 0.03 -2.09
CA CYS A 35 1.52 0.71 -1.19
C CYS A 35 2.42 1.76 -1.87
N ARG A 36 2.20 3.04 -1.60
CA ARG A 36 3.19 4.08 -1.93
C ARG A 36 2.98 5.32 -1.07
N ASP A 37 3.99 6.19 -1.05
CA ASP A 37 4.06 7.30 -0.10
C ASP A 37 4.06 8.65 -0.81
N ASP A 38 5.06 8.85 -1.68
CA ASP A 38 5.12 10.07 -2.50
C ASP A 38 3.84 10.18 -3.30
N PHE A 39 3.42 9.04 -3.82
CA PHE A 39 2.13 8.91 -4.44
C PHE A 39 1.24 8.17 -3.45
N ARG A 40 -0.07 8.19 -3.64
CA ARG A 40 -0.93 7.66 -2.59
C ARG A 40 -1.73 6.47 -3.09
N CYS A 41 -1.54 5.34 -2.42
CA CYS A 41 -2.23 4.11 -2.75
C CYS A 41 -2.86 3.41 -1.50
N TRP A 42 -4.02 2.74 -1.68
CA TRP A 42 -4.65 1.93 -0.61
C TRP A 42 -4.23 0.45 -0.63
N CYS A 43 -3.36 0.00 0.27
CA CYS A 43 -3.05 -1.44 0.32
C CYS A 43 -3.86 -2.09 1.45
N THR A 44 -4.57 -3.17 1.13
CA THR A 44 -5.39 -3.86 2.10
C THR A 44 -4.61 -5.03 2.65
N ASN A 45 -4.60 -5.16 3.98
CA ASN A 45 -3.94 -6.28 4.62
C ASN A 45 -4.62 -6.62 5.94
N ARG A 46 -4.05 -7.55 6.67
CA ARG A 46 -4.65 -8.04 7.89
C ARG A 46 -4.01 -7.37 9.09
N CYS A 47 -4.81 -6.65 9.87
CA CYS A 47 -4.29 -5.94 11.03
C CYS A 47 -4.62 -6.71 12.30
N LYS A 1 -14.04 -6.30 2.85
CA LYS A 1 -12.57 -6.33 2.64
C LYS A 1 -11.85 -6.52 3.97
N THR A 2 -10.53 -6.55 3.93
CA THR A 2 -9.73 -6.65 5.14
C THR A 2 -9.16 -5.29 5.49
N CYS A 3 -8.44 -5.23 6.61
CA CYS A 3 -7.95 -3.98 7.15
C CYS A 3 -7.08 -3.25 6.12
N GLU A 4 -7.55 -2.11 5.66
CA GLU A 4 -6.88 -1.40 4.59
C GLU A 4 -6.54 0.01 5.02
N ASN A 5 -5.41 0.50 4.56
CA ASN A 5 -5.08 1.89 4.77
C ASN A 5 -4.39 2.46 3.56
N LEU A 6 -4.57 3.76 3.41
CA LEU A 6 -3.90 4.49 2.36
C LEU A 6 -2.52 4.83 2.88
N SER A 7 -1.49 4.51 2.12
CA SER A 7 -0.13 4.67 2.59
C SER A 7 0.50 5.98 2.08
N GLY A 8 1.42 6.50 2.86
CA GLY A 8 2.15 7.70 2.47
C GLY A 8 1.89 8.83 3.41
N THR A 9 1.29 9.89 2.90
CA THR A 9 0.83 10.99 3.74
C THR A 9 -0.31 10.50 4.62
N PHE A 10 -1.04 9.52 4.10
CA PHE A 10 -2.14 8.90 4.81
C PHE A 10 -1.64 7.72 5.64
N LYS A 11 -2.17 7.60 6.85
CA LYS A 11 -2.07 6.37 7.66
C LYS A 11 -0.64 5.79 7.73
N GLY A 12 0.37 6.63 7.66
CA GLY A 12 1.74 6.14 7.70
C GLY A 12 2.34 5.96 6.31
N PRO A 13 3.64 6.24 6.16
CA PRO A 13 4.33 6.24 4.87
C PRO A 13 4.58 4.83 4.30
N CYS A 14 5.11 4.78 3.09
CA CYS A 14 5.47 3.52 2.46
C CYS A 14 6.63 3.69 1.46
N ILE A 15 6.33 3.92 0.18
CA ILE A 15 7.39 3.98 -0.85
C ILE A 15 7.09 5.04 -1.91
N PRO A 16 8.07 5.88 -2.24
CA PRO A 16 7.87 7.02 -3.13
C PRO A 16 8.15 6.71 -4.60
N ASP A 17 8.18 5.42 -4.94
CA ASP A 17 8.59 4.99 -6.28
C ASP A 17 7.43 4.98 -7.27
N GLY A 18 6.21 4.91 -6.75
CA GLY A 18 5.03 4.92 -7.62
C GLY A 18 4.72 3.56 -8.21
N ASN A 19 4.97 2.55 -7.42
CA ASN A 19 4.72 1.17 -7.79
C ASN A 19 3.86 0.52 -6.74
N CYS A 20 2.88 1.26 -6.23
CA CYS A 20 2.10 0.83 -5.10
C CYS A 20 1.58 -0.58 -5.27
N ASN A 21 0.63 -0.76 -6.19
CA ASN A 21 -0.04 -2.04 -6.38
C ASN A 21 0.95 -3.18 -6.47
N LYS A 22 1.81 -3.12 -7.47
CA LYS A 22 2.73 -4.22 -7.72
C LYS A 22 3.67 -4.48 -6.56
N HIS A 23 4.06 -3.44 -5.82
CA HIS A 23 5.02 -3.63 -4.74
C HIS A 23 4.43 -4.51 -3.65
N CYS A 24 3.32 -4.07 -3.05
CA CYS A 24 2.61 -4.86 -2.03
C CYS A 24 2.47 -6.29 -2.49
N ARG A 25 1.99 -6.45 -3.70
CA ARG A 25 1.52 -7.73 -4.19
C ARG A 25 2.66 -8.68 -4.53
N ASN A 26 3.81 -8.13 -4.87
CA ASN A 26 4.94 -8.97 -5.28
C ASN A 26 5.78 -9.37 -4.08
N ASN A 27 6.13 -8.41 -3.25
CA ASN A 27 7.05 -8.67 -2.16
C ASN A 27 6.33 -9.23 -0.94
N GLU A 28 5.14 -8.70 -0.66
CA GLU A 28 4.42 -9.10 0.54
C GLU A 28 3.12 -9.84 0.21
N HIS A 29 2.64 -9.63 -1.01
CA HIS A 29 1.45 -10.30 -1.53
C HIS A 29 0.23 -9.94 -0.69
N LEU A 30 -0.11 -8.65 -0.64
CA LEU A 30 -1.26 -8.20 0.13
C LEU A 30 -2.51 -8.18 -0.74
N LEU A 31 -3.57 -7.58 -0.23
CA LEU A 31 -4.87 -7.66 -0.86
C LEU A 31 -5.15 -6.58 -1.88
N SER A 32 -5.03 -5.34 -1.47
CA SER A 32 -5.31 -4.25 -2.43
C SER A 32 -4.05 -3.81 -3.11
N GLY A 33 -2.95 -4.09 -2.49
CA GLY A 33 -1.69 -3.92 -3.13
C GLY A 33 -1.20 -2.50 -3.23
N ARG A 34 -1.99 -1.52 -2.89
CA ARG A 34 -1.63 -0.13 -3.17
C ARG A 34 -0.67 0.46 -2.12
N CYS A 35 0.61 0.06 -2.11
CA CYS A 35 1.59 0.69 -1.22
C CYS A 35 2.45 1.77 -1.87
N ARG A 36 2.28 3.03 -1.45
CA ARG A 36 3.13 4.13 -1.89
C ARG A 36 3.30 5.16 -0.77
N ASP A 37 4.11 6.18 -1.02
CA ASP A 37 4.41 7.20 -0.02
C ASP A 37 4.22 8.60 -0.60
N ASP A 38 5.09 8.96 -1.53
CA ASP A 38 5.01 10.24 -2.22
C ASP A 38 3.68 10.36 -2.97
N PHE A 39 3.28 9.23 -3.51
CA PHE A 39 1.97 9.10 -4.12
C PHE A 39 1.10 8.33 -3.14
N ARG A 40 -0.21 8.34 -3.33
CA ARG A 40 -1.08 7.76 -2.32
C ARG A 40 -1.85 6.57 -2.88
N CYS A 41 -1.62 5.42 -2.25
CA CYS A 41 -2.29 4.18 -2.62
C CYS A 41 -2.84 3.43 -1.37
N TRP A 42 -4.04 2.80 -1.47
CA TRP A 42 -4.63 1.95 -0.39
C TRP A 42 -4.21 0.47 -0.50
N CYS A 43 -3.35 -0.01 0.38
CA CYS A 43 -3.05 -1.45 0.37
C CYS A 43 -3.86 -2.13 1.48
N THR A 44 -4.61 -3.16 1.11
CA THR A 44 -5.45 -3.86 2.05
C THR A 44 -4.71 -5.08 2.56
N ASN A 45 -4.74 -5.28 3.87
CA ASN A 45 -4.10 -6.42 4.49
C ASN A 45 -4.95 -6.88 5.67
N ARG A 46 -4.45 -7.83 6.45
CA ARG A 46 -5.22 -8.36 7.57
C ARG A 46 -4.64 -7.88 8.88
N CYS A 47 -5.50 -7.45 9.79
CA CYS A 47 -5.04 -6.96 11.08
C CYS A 47 -5.60 -7.84 12.20
N LYS A 1 -14.28 -6.37 3.24
CA LYS A 1 -12.83 -6.46 2.94
C LYS A 1 -12.02 -6.64 4.22
N THR A 2 -10.71 -6.63 4.10
CA THR A 2 -9.83 -6.75 5.24
C THR A 2 -9.28 -5.38 5.60
N CYS A 3 -8.48 -5.31 6.64
CA CYS A 3 -7.92 -4.05 7.10
C CYS A 3 -7.24 -3.33 5.95
N GLU A 4 -7.80 -2.21 5.56
CA GLU A 4 -7.26 -1.43 4.48
C GLU A 4 -6.82 -0.09 5.01
N ASN A 5 -5.64 0.35 4.60
CA ASN A 5 -5.20 1.66 4.97
C ASN A 5 -4.35 2.26 3.88
N LEU A 6 -4.28 3.57 3.92
CA LEU A 6 -3.63 4.33 2.88
C LEU A 6 -2.15 4.57 3.22
N SER A 7 -1.30 4.30 2.26
CA SER A 7 0.11 4.57 2.39
C SER A 7 0.45 5.89 1.72
N GLY A 8 1.08 6.77 2.48
CA GLY A 8 1.49 8.06 1.95
C GLY A 8 1.91 8.99 3.05
N THR A 9 1.88 10.29 2.79
CA THR A 9 2.20 11.26 3.81
C THR A 9 1.26 11.11 5.01
N PHE A 10 -0.04 11.06 4.74
CA PHE A 10 -1.02 10.74 5.76
C PHE A 10 -1.26 9.23 5.80
N LYS A 11 -1.59 8.74 7.00
CA LYS A 11 -1.95 7.33 7.20
C LYS A 11 -0.72 6.40 7.18
N GLY A 12 0.46 6.98 7.17
CA GLY A 12 1.68 6.19 7.16
C GLY A 12 2.18 5.89 5.76
N PRO A 13 3.46 6.13 5.48
CA PRO A 13 4.05 5.99 4.15
C PRO A 13 4.42 4.55 3.80
N CYS A 14 4.99 4.37 2.59
CA CYS A 14 5.46 3.07 2.16
C CYS A 14 6.67 3.22 1.22
N ILE A 15 6.43 3.56 -0.05
CA ILE A 15 7.53 3.76 -1.03
C ILE A 15 7.19 4.87 -2.04
N PRO A 16 8.11 5.80 -2.28
CA PRO A 16 7.83 6.97 -3.10
C PRO A 16 8.11 6.76 -4.60
N ASP A 17 7.61 5.66 -5.15
CA ASP A 17 7.83 5.38 -6.57
C ASP A 17 6.52 5.39 -7.37
N GLY A 18 5.40 5.22 -6.68
CA GLY A 18 4.10 5.26 -7.36
C GLY A 18 3.60 3.90 -7.78
N ASN A 19 4.45 2.92 -7.62
CA ASN A 19 4.14 1.55 -8.01
C ASN A 19 3.59 0.79 -6.81
N CYS A 20 2.47 1.25 -6.30
CA CYS A 20 1.94 0.75 -5.07
C CYS A 20 1.58 -0.73 -5.15
N ASN A 21 0.83 -1.13 -6.16
CA ASN A 21 0.32 -2.51 -6.25
C ASN A 21 1.44 -3.52 -6.36
N LYS A 22 2.35 -3.31 -7.30
CA LYS A 22 3.38 -4.30 -7.56
C LYS A 22 4.26 -4.51 -6.33
N HIS A 23 4.44 -3.48 -5.51
CA HIS A 23 5.23 -3.62 -4.31
C HIS A 23 4.50 -4.51 -3.30
N CYS A 24 3.27 -4.15 -2.97
CA CYS A 24 2.49 -4.92 -2.01
C CYS A 24 2.25 -6.33 -2.51
N ARG A 25 2.22 -6.53 -3.82
CA ARG A 25 1.92 -7.85 -4.37
C ARG A 25 3.16 -8.71 -4.50
N ASN A 26 4.19 -8.17 -5.12
CA ASN A 26 5.39 -8.95 -5.41
C ASN A 26 6.16 -9.26 -4.15
N ASN A 27 6.18 -8.30 -3.24
CA ASN A 27 6.95 -8.44 -2.03
C ASN A 27 6.16 -9.16 -0.95
N GLU A 28 4.96 -8.68 -0.65
CA GLU A 28 4.20 -9.23 0.46
C GLU A 28 2.93 -9.96 0.00
N HIS A 29 2.47 -9.64 -1.20
CA HIS A 29 1.30 -10.25 -1.81
C HIS A 29 0.05 -9.94 -1.02
N LEU A 30 -0.20 -8.66 -0.80
CA LEU A 30 -1.38 -8.24 -0.06
C LEU A 30 -2.59 -8.16 -0.96
N LEU A 31 -3.69 -7.66 -0.43
CA LEU A 31 -4.98 -7.80 -1.09
C LEU A 31 -5.29 -6.66 -2.04
N SER A 32 -5.13 -5.42 -1.60
CA SER A 32 -5.38 -4.28 -2.48
C SER A 32 -4.07 -3.84 -3.05
N GLY A 33 -3.04 -4.19 -2.32
CA GLY A 33 -1.68 -3.97 -2.73
C GLY A 33 -1.31 -2.54 -3.00
N ARG A 34 -2.09 -1.58 -2.55
CA ARG A 34 -1.78 -0.19 -2.85
C ARG A 34 -0.69 0.39 -1.89
N CYS A 35 0.59 0.01 -2.06
CA CYS A 35 1.71 0.61 -1.25
C CYS A 35 2.55 1.71 -1.94
N ARG A 36 2.48 2.95 -1.43
CA ARG A 36 3.45 3.99 -1.83
C ARG A 36 3.54 5.13 -0.79
N ASP A 37 4.38 6.12 -1.05
CA ASP A 37 4.67 7.20 -0.10
C ASP A 37 4.34 8.57 -0.69
N ASP A 38 5.15 9.00 -1.65
CA ASP A 38 4.93 10.27 -2.33
C ASP A 38 3.54 10.31 -2.94
N PHE A 39 3.16 9.19 -3.53
CA PHE A 39 1.83 9.02 -4.04
C PHE A 39 1.06 8.18 -3.04
N ARG A 40 -0.27 8.16 -3.12
CA ARG A 40 -1.04 7.55 -2.04
C ARG A 40 -1.88 6.39 -2.57
N CYS A 41 -1.65 5.22 -1.97
CA CYS A 41 -2.39 4.01 -2.31
C CYS A 41 -2.89 3.27 -1.03
N TRP A 42 -4.13 2.74 -1.04
CA TRP A 42 -4.66 1.89 0.07
C TRP A 42 -4.24 0.40 -0.03
N CYS A 43 -3.31 -0.07 0.79
CA CYS A 43 -3.01 -1.51 0.75
C CYS A 43 -3.88 -2.24 1.78
N THR A 44 -4.66 -3.19 1.29
CA THR A 44 -5.54 -3.97 2.15
C THR A 44 -4.90 -5.30 2.49
N ASN A 45 -5.01 -5.69 3.76
CA ASN A 45 -4.55 -6.98 4.25
C ASN A 45 -5.21 -7.26 5.60
N ARG A 46 -4.94 -8.39 6.21
CA ARG A 46 -5.58 -8.73 7.48
C ARG A 46 -4.70 -8.24 8.62
N CYS A 47 -5.28 -7.48 9.53
CA CYS A 47 -4.54 -6.95 10.66
C CYS A 47 -4.96 -7.67 11.93
N LYS A 1 -13.99 -5.38 2.61
CA LYS A 1 -12.53 -5.58 2.54
C LYS A 1 -11.98 -6.08 3.86
N THR A 2 -10.67 -6.25 3.89
CA THR A 2 -9.92 -6.46 5.11
C THR A 2 -9.23 -5.17 5.48
N CYS A 3 -8.50 -5.16 6.58
CA CYS A 3 -7.88 -3.95 7.11
C CYS A 3 -7.09 -3.24 6.02
N GLU A 4 -7.54 -2.05 5.65
CA GLU A 4 -6.92 -1.31 4.56
C GLU A 4 -6.65 0.11 4.98
N ASN A 5 -5.48 0.61 4.61
CA ASN A 5 -5.16 2.01 4.82
C ASN A 5 -4.50 2.56 3.59
N LEU A 6 -4.63 3.86 3.43
CA LEU A 6 -3.95 4.56 2.37
C LEU A 6 -2.55 4.88 2.87
N SER A 7 -1.55 4.60 2.05
CA SER A 7 -0.18 4.71 2.48
C SER A 7 0.46 6.03 2.06
N GLY A 8 1.50 6.41 2.78
CA GLY A 8 2.27 7.58 2.43
C GLY A 8 2.02 8.72 3.37
N THR A 9 1.60 9.85 2.82
CA THR A 9 1.17 10.96 3.64
C THR A 9 -0.01 10.52 4.50
N PHE A 10 -0.74 9.54 3.96
CA PHE A 10 -1.84 8.92 4.65
C PHE A 10 -1.35 7.75 5.50
N LYS A 11 -1.78 7.75 6.76
CA LYS A 11 -1.75 6.54 7.60
C LYS A 11 -0.40 5.80 7.61
N GLY A 12 0.71 6.51 7.42
CA GLY A 12 2.01 5.88 7.48
C GLY A 12 2.70 5.79 6.12
N PRO A 13 3.97 6.21 6.03
CA PRO A 13 4.75 6.22 4.76
C PRO A 13 4.96 4.84 4.15
N CYS A 14 5.51 4.80 2.93
CA CYS A 14 5.80 3.55 2.25
C CYS A 14 6.92 3.72 1.20
N ILE A 15 6.54 4.06 -0.04
CA ILE A 15 7.51 4.11 -1.14
C ILE A 15 7.16 5.20 -2.17
N PRO A 16 8.15 5.96 -2.63
CA PRO A 16 7.92 7.08 -3.53
C PRO A 16 7.99 6.69 -5.01
N ASP A 17 7.97 5.39 -5.28
CA ASP A 17 8.15 4.90 -6.65
C ASP A 17 6.85 4.99 -7.45
N GLY A 18 5.72 5.06 -6.76
CA GLY A 18 4.43 5.29 -7.41
C GLY A 18 3.89 4.11 -8.19
N ASN A 19 4.22 2.92 -7.73
CA ASN A 19 3.75 1.68 -8.32
C ASN A 19 2.61 1.12 -7.47
N CYS A 20 2.81 1.25 -6.16
CA CYS A 20 1.97 0.71 -5.10
C CYS A 20 1.62 -0.76 -5.28
N ASN A 21 0.70 -1.07 -6.16
CA ASN A 21 0.16 -2.43 -6.29
C ASN A 21 1.28 -3.47 -6.29
N LYS A 22 2.17 -3.40 -7.27
CA LYS A 22 3.19 -4.43 -7.41
C LYS A 22 4.11 -4.53 -6.20
N HIS A 23 4.30 -3.43 -5.46
CA HIS A 23 5.16 -3.48 -4.28
C HIS A 23 4.53 -4.37 -3.22
N CYS A 24 3.33 -4.02 -2.77
CA CYS A 24 2.64 -4.83 -1.79
C CYS A 24 2.46 -6.24 -2.30
N ARG A 25 1.98 -6.37 -3.53
CA ARG A 25 1.49 -7.65 -4.04
C ARG A 25 2.62 -8.60 -4.43
N ASN A 26 3.68 -8.08 -5.02
CA ASN A 26 4.78 -8.94 -5.46
C ASN A 26 5.69 -9.27 -4.29
N ASN A 27 5.90 -8.30 -3.42
CA ASN A 27 6.82 -8.46 -2.32
C ASN A 27 6.15 -9.10 -1.12
N GLU A 28 5.01 -8.57 -0.71
CA GLU A 28 4.36 -9.03 0.52
C GLU A 28 3.10 -9.84 0.21
N HIS A 29 2.56 -9.63 -1.01
CA HIS A 29 1.42 -10.36 -1.52
C HIS A 29 0.16 -10.03 -0.73
N LEU A 30 -0.04 -8.75 -0.44
CA LEU A 30 -1.22 -8.32 0.29
C LEU A 30 -2.45 -8.35 -0.61
N LEU A 31 -3.56 -7.81 -0.15
CA LEU A 31 -4.81 -7.99 -0.86
C LEU A 31 -5.07 -6.90 -1.91
N SER A 32 -4.98 -5.64 -1.52
CA SER A 32 -5.19 -4.56 -2.49
C SER A 32 -3.88 -4.01 -3.00
N GLY A 33 -2.90 -4.10 -2.15
CA GLY A 33 -1.53 -3.90 -2.54
C GLY A 33 -1.15 -2.47 -2.88
N ARG A 34 -1.99 -1.51 -2.59
CA ARG A 34 -1.70 -0.14 -2.95
C ARG A 34 -0.72 0.54 -1.94
N CYS A 35 0.58 0.23 -2.00
CA CYS A 35 1.58 0.91 -1.13
C CYS A 35 2.40 2.04 -1.84
N ARG A 36 2.29 3.30 -1.38
CA ARG A 36 3.22 4.37 -1.80
C ARG A 36 3.50 5.33 -0.63
N ASP A 37 4.42 6.27 -0.85
CA ASP A 37 4.78 7.28 0.15
C ASP A 37 4.38 8.68 -0.31
N ASP A 38 5.17 9.26 -1.21
CA ASP A 38 4.85 10.56 -1.79
C ASP A 38 3.52 10.46 -2.52
N PHE A 39 3.34 9.32 -3.15
CA PHE A 39 2.13 8.98 -3.85
C PHE A 39 1.15 8.29 -2.90
N ARG A 40 -0.12 8.21 -3.28
CA ARG A 40 -1.12 7.65 -2.38
C ARG A 40 -1.81 6.43 -2.99
N CYS A 41 -1.67 5.29 -2.32
CA CYS A 41 -2.39 4.07 -2.65
C CYS A 41 -2.95 3.38 -1.36
N TRP A 42 -4.13 2.74 -1.41
CA TRP A 42 -4.70 1.95 -0.28
C TRP A 42 -4.27 0.45 -0.29
N CYS A 43 -3.36 0.04 0.58
CA CYS A 43 -2.99 -1.39 0.61
C CYS A 43 -3.83 -2.11 1.67
N THR A 44 -4.53 -3.14 1.24
CA THR A 44 -5.41 -3.93 2.10
C THR A 44 -4.71 -5.20 2.55
N ASN A 45 -4.89 -5.54 3.82
CA ASN A 45 -4.32 -6.74 4.41
C ASN A 45 -5.16 -7.17 5.62
N ARG A 46 -4.86 -8.34 6.17
CA ARG A 46 -5.63 -8.89 7.28
C ARG A 46 -4.96 -8.56 8.61
N CYS A 47 -5.71 -8.03 9.54
CA CYS A 47 -5.18 -7.70 10.85
C CYS A 47 -5.95 -8.42 11.95
N LYS A 1 -14.64 -5.19 3.54
CA LYS A 1 -13.29 -5.55 3.05
C LYS A 1 -12.40 -5.99 4.20
N THR A 2 -11.10 -6.01 3.97
CA THR A 2 -10.13 -6.31 4.98
C THR A 2 -9.48 -5.03 5.46
N CYS A 3 -8.62 -5.09 6.46
CA CYS A 3 -8.05 -3.88 7.02
C CYS A 3 -7.29 -3.13 5.93
N GLU A 4 -7.82 -1.98 5.57
CA GLU A 4 -7.30 -1.23 4.44
C GLU A 4 -6.83 0.12 4.90
N ASN A 5 -5.65 0.49 4.46
CA ASN A 5 -5.11 1.78 4.81
C ASN A 5 -4.42 2.41 3.64
N LEU A 6 -4.51 3.71 3.58
CA LEU A 6 -3.93 4.45 2.48
C LEU A 6 -2.52 4.83 2.82
N SER A 7 -1.59 4.26 2.09
CA SER A 7 -0.19 4.43 2.35
C SER A 7 0.36 5.63 1.60
N GLY A 8 1.03 6.51 2.33
CA GLY A 8 1.59 7.71 1.73
C GLY A 8 2.14 8.65 2.77
N THR A 9 1.25 9.22 3.56
CA THR A 9 1.63 10.12 4.63
C THR A 9 0.85 9.78 5.88
N PHE A 10 -0.45 9.60 5.72
CA PHE A 10 -1.28 9.05 6.77
C PHE A 10 -1.29 7.53 6.66
N LYS A 11 -1.44 6.84 7.78
CA LYS A 11 -1.48 5.38 7.83
C LYS A 11 -0.13 4.74 7.44
N GLY A 12 0.92 5.55 7.42
CA GLY A 12 2.24 5.05 7.10
C GLY A 12 2.57 5.14 5.62
N PRO A 13 3.84 5.47 5.29
CA PRO A 13 4.31 5.56 3.91
C PRO A 13 4.93 4.26 3.41
N CYS A 14 5.22 4.21 2.11
CA CYS A 14 5.89 3.06 1.50
C CYS A 14 7.02 3.52 0.57
N ILE A 15 6.66 3.88 -0.67
CA ILE A 15 7.64 4.17 -1.71
C ILE A 15 7.19 5.32 -2.60
N PRO A 16 8.12 6.16 -3.06
CA PRO A 16 7.81 7.29 -3.93
C PRO A 16 7.86 6.93 -5.42
N ASP A 17 7.55 5.67 -5.73
CA ASP A 17 7.66 5.20 -7.12
C ASP A 17 6.31 5.26 -7.84
N GLY A 18 5.22 5.26 -7.08
CA GLY A 18 3.90 5.49 -7.67
C GLY A 18 3.20 4.23 -8.17
N ASN A 19 3.91 3.12 -8.18
CA ASN A 19 3.34 1.84 -8.60
C ASN A 19 2.25 1.38 -7.62
N CYS A 20 2.58 1.53 -6.34
CA CYS A 20 1.82 1.04 -5.21
C CYS A 20 1.55 -0.46 -5.27
N ASN A 21 0.70 -0.88 -6.19
CA ASN A 21 0.24 -2.26 -6.27
C ASN A 21 1.38 -3.25 -6.26
N LYS A 22 2.19 -3.23 -7.31
CA LYS A 22 3.25 -4.23 -7.46
C LYS A 22 4.17 -4.29 -6.26
N HIS A 23 4.33 -3.20 -5.52
CA HIS A 23 5.15 -3.24 -4.32
C HIS A 23 4.53 -4.16 -3.28
N CYS A 24 3.39 -3.78 -2.72
CA CYS A 24 2.75 -4.58 -1.67
C CYS A 24 2.58 -6.00 -2.14
N ARG A 25 2.28 -6.16 -3.41
CA ARG A 25 1.84 -7.45 -3.93
C ARG A 25 3.00 -8.38 -4.25
N ASN A 26 4.16 -7.83 -4.58
CA ASN A 26 5.28 -8.69 -4.97
C ASN A 26 6.04 -9.20 -3.75
N ASN A 27 6.34 -8.31 -2.83
CA ASN A 27 7.12 -8.68 -1.65
C ASN A 27 6.23 -9.19 -0.53
N GLU A 28 5.10 -8.53 -0.30
CA GLU A 28 4.27 -8.86 0.84
C GLU A 28 2.99 -9.59 0.42
N HIS A 29 2.62 -9.41 -0.85
CA HIS A 29 1.52 -10.11 -1.49
C HIS A 29 0.19 -9.79 -0.80
N LEU A 30 0.00 -8.52 -0.42
CA LEU A 30 -1.21 -8.12 0.29
C LEU A 30 -2.43 -8.12 -0.64
N LEU A 31 -3.53 -7.56 -0.15
CA LEU A 31 -4.81 -7.71 -0.86
C LEU A 31 -5.07 -6.61 -1.88
N SER A 32 -4.98 -5.34 -1.47
CA SER A 32 -5.17 -4.26 -2.44
C SER A 32 -3.79 -3.79 -2.90
N GLY A 33 -2.83 -4.02 -2.04
CA GLY A 33 -1.45 -3.84 -2.37
C GLY A 33 -1.03 -2.46 -2.82
N ARG A 34 -1.80 -1.43 -2.53
CA ARG A 34 -1.41 -0.11 -3.00
C ARG A 34 -0.41 0.57 -2.02
N CYS A 35 0.88 0.20 -2.07
CA CYS A 35 1.90 0.82 -1.20
C CYS A 35 2.68 1.97 -1.88
N ARG A 36 2.57 3.19 -1.34
CA ARG A 36 3.44 4.31 -1.79
C ARG A 36 3.73 5.27 -0.62
N ASP A 37 4.57 6.26 -0.89
CA ASP A 37 5.00 7.26 0.09
C ASP A 37 4.69 8.67 -0.40
N ASP A 38 5.41 9.11 -1.43
CA ASP A 38 5.15 10.42 -2.03
C ASP A 38 3.75 10.47 -2.59
N PHE A 39 3.39 9.42 -3.31
CA PHE A 39 2.05 9.24 -3.80
C PHE A 39 1.27 8.41 -2.79
N ARG A 40 -0.04 8.38 -2.88
CA ARG A 40 -0.82 7.67 -1.87
C ARG A 40 -1.71 6.63 -2.53
N CYS A 41 -1.55 5.38 -2.11
CA CYS A 41 -2.34 4.27 -2.61
C CYS A 41 -2.88 3.42 -1.41
N TRP A 42 -4.09 2.83 -1.51
CA TRP A 42 -4.67 1.99 -0.41
C TRP A 42 -4.18 0.51 -0.41
N CYS A 43 -3.30 0.12 0.52
CA CYS A 43 -2.93 -1.29 0.60
C CYS A 43 -3.76 -2.00 1.68
N THR A 44 -4.58 -2.95 1.25
CA THR A 44 -5.44 -3.71 2.15
C THR A 44 -4.77 -5.01 2.56
N ASN A 45 -4.96 -5.41 3.81
CA ASN A 45 -4.36 -6.62 4.34
C ASN A 45 -5.33 -7.29 5.33
N ARG A 46 -4.92 -8.40 5.90
CA ARG A 46 -5.70 -9.07 6.93
C ARG A 46 -5.19 -8.65 8.30
N CYS A 47 -6.10 -8.19 9.15
CA CYS A 47 -5.73 -7.76 10.49
C CYS A 47 -6.58 -8.48 11.52
N LYS A 1 -14.39 -5.25 3.69
CA LYS A 1 -13.02 -5.50 3.21
C LYS A 1 -12.13 -5.94 4.36
N THR A 2 -10.84 -5.97 4.10
CA THR A 2 -9.86 -6.29 5.11
C THR A 2 -9.16 -5.02 5.58
N CYS A 3 -8.30 -5.14 6.58
CA CYS A 3 -7.58 -3.98 7.11
C CYS A 3 -6.87 -3.24 5.99
N GLU A 4 -7.33 -2.03 5.70
CA GLU A 4 -6.80 -1.26 4.59
C GLU A 4 -6.43 0.12 5.07
N ASN A 5 -5.35 0.65 4.52
CA ASN A 5 -5.00 2.02 4.76
C ASN A 5 -4.36 2.61 3.53
N LEU A 6 -4.47 3.91 3.43
CA LEU A 6 -3.85 4.62 2.33
C LEU A 6 -2.45 5.01 2.75
N SER A 7 -1.47 4.53 2.01
CA SER A 7 -0.09 4.78 2.31
C SER A 7 0.35 6.10 1.68
N GLY A 8 0.94 6.95 2.50
CA GLY A 8 1.41 8.23 2.02
C GLY A 8 1.55 9.23 3.14
N THR A 9 0.90 10.36 3.01
CA THR A 9 0.94 11.36 4.05
C THR A 9 -0.01 10.99 5.19
N PHE A 10 -1.18 10.47 4.87
CA PHE A 10 -2.14 10.06 5.87
C PHE A 10 -1.92 8.60 6.20
N LYS A 11 -2.14 8.22 7.46
CA LYS A 11 -2.08 6.82 7.87
C LYS A 11 -0.68 6.22 7.73
N GLY A 12 0.32 7.10 7.66
CA GLY A 12 1.69 6.65 7.55
C GLY A 12 2.13 6.46 6.10
N PRO A 13 3.45 6.48 5.85
CA PRO A 13 4.02 6.42 4.52
C PRO A 13 4.36 5.00 4.08
N CYS A 14 5.02 4.90 2.93
CA CYS A 14 5.48 3.62 2.41
C CYS A 14 6.66 3.81 1.45
N ILE A 15 6.38 4.07 0.17
CA ILE A 15 7.43 4.14 -0.84
C ILE A 15 7.14 5.20 -1.92
N PRO A 16 8.08 6.10 -2.18
CA PRO A 16 7.90 7.21 -3.13
C PRO A 16 8.22 6.79 -4.55
N ASP A 17 7.99 5.52 -4.86
CA ASP A 17 8.37 4.97 -6.14
C ASP A 17 7.18 4.80 -7.08
N GLY A 18 5.97 4.78 -6.52
CA GLY A 18 4.77 4.73 -7.36
C GLY A 18 4.43 3.33 -7.82
N ASN A 19 5.02 2.36 -7.17
CA ASN A 19 4.82 0.96 -7.47
C ASN A 19 3.98 0.31 -6.39
N CYS A 20 2.87 0.94 -6.05
CA CYS A 20 2.08 0.52 -4.93
C CYS A 20 1.60 -0.89 -5.11
N ASN A 21 1.09 -1.17 -6.29
CA ASN A 21 0.50 -2.46 -6.57
C ASN A 21 1.53 -3.55 -6.55
N LYS A 22 2.51 -3.47 -7.42
CA LYS A 22 3.50 -4.52 -7.53
C LYS A 22 4.31 -4.69 -6.24
N HIS A 23 4.54 -3.61 -5.51
CA HIS A 23 5.32 -3.72 -4.29
C HIS A 23 4.58 -4.60 -3.27
N CYS A 24 3.34 -4.24 -2.96
CA CYS A 24 2.57 -5.00 -2.00
C CYS A 24 2.27 -6.40 -2.51
N ARG A 25 1.94 -6.50 -3.79
CA ARG A 25 1.37 -7.72 -4.35
C ARG A 25 2.42 -8.72 -4.80
N ASN A 26 3.52 -8.23 -5.32
CA ASN A 26 4.56 -9.11 -5.85
C ASN A 26 5.51 -9.53 -4.74
N ASN A 27 5.80 -8.61 -3.83
CA ASN A 27 6.76 -8.88 -2.78
C ASN A 27 6.09 -9.55 -1.59
N GLU A 28 4.99 -8.98 -1.11
CA GLU A 28 4.33 -9.52 0.08
C GLU A 28 3.02 -10.23 -0.27
N HIS A 29 2.47 -9.91 -1.45
CA HIS A 29 1.28 -10.55 -1.97
C HIS A 29 0.09 -10.21 -1.08
N LEU A 30 -0.15 -8.92 -0.88
CA LEU A 30 -1.26 -8.47 -0.07
C LEU A 30 -2.57 -8.53 -0.84
N LEU A 31 -3.62 -7.95 -0.27
CA LEU A 31 -4.95 -8.11 -0.83
C LEU A 31 -5.29 -7.03 -1.85
N SER A 32 -5.09 -5.77 -1.49
CA SER A 32 -5.35 -4.69 -2.46
C SER A 32 -4.06 -4.12 -3.02
N GLY A 33 -3.03 -4.23 -2.21
CA GLY A 33 -1.67 -4.00 -2.65
C GLY A 33 -1.38 -2.63 -3.18
N ARG A 34 -1.92 -1.60 -2.57
CA ARG A 34 -1.60 -0.26 -2.97
C ARG A 34 -0.61 0.42 -1.97
N CYS A 35 0.68 0.08 -2.01
CA CYS A 35 1.69 0.76 -1.15
C CYS A 35 2.52 1.87 -1.85
N ARG A 36 2.38 3.13 -1.43
CA ARG A 36 3.25 4.24 -1.89
C ARG A 36 3.44 5.28 -0.79
N ASP A 37 4.20 6.33 -1.10
CA ASP A 37 4.49 7.41 -0.13
C ASP A 37 4.22 8.79 -0.74
N ASP A 38 5.09 9.21 -1.65
CA ASP A 38 4.91 10.48 -2.37
C ASP A 38 3.61 10.47 -3.13
N PHE A 39 3.29 9.30 -3.65
CA PHE A 39 2.01 9.03 -4.26
C PHE A 39 1.18 8.24 -3.26
N ARG A 40 -0.11 8.13 -3.45
CA ARG A 40 -0.95 7.54 -2.42
C ARG A 40 -1.74 6.37 -2.97
N CYS A 41 -1.54 5.22 -2.34
CA CYS A 41 -2.25 4.00 -2.67
C CYS A 41 -2.81 3.30 -1.38
N TRP A 42 -3.99 2.68 -1.44
CA TRP A 42 -4.56 1.90 -0.31
C TRP A 42 -4.12 0.40 -0.32
N CYS A 43 -3.21 -0.02 0.54
CA CYS A 43 -2.87 -1.45 0.59
C CYS A 43 -3.66 -2.15 1.68
N THR A 44 -4.31 -3.24 1.31
CA THR A 44 -5.19 -3.96 2.20
C THR A 44 -4.62 -5.34 2.55
N ASN A 45 -4.77 -5.73 3.81
CA ASN A 45 -4.32 -7.02 4.32
C ASN A 45 -5.11 -7.32 5.59
N ARG A 46 -4.76 -8.38 6.31
CA ARG A 46 -5.46 -8.72 7.53
C ARG A 46 -4.63 -8.29 8.74
N CYS A 47 -5.29 -7.67 9.71
CA CYS A 47 -4.61 -7.23 10.91
C CYS A 47 -5.19 -7.94 12.13
N LYS A 1 -14.14 -5.67 2.84
CA LYS A 1 -12.72 -5.97 2.56
C LYS A 1 -12.01 -6.33 3.86
N THR A 2 -10.69 -6.39 3.81
CA THR A 2 -9.89 -6.58 5.01
C THR A 2 -9.29 -5.25 5.42
N CYS A 3 -8.56 -5.24 6.51
CA CYS A 3 -7.98 -4.01 7.05
C CYS A 3 -7.21 -3.29 5.96
N GLU A 4 -7.71 -2.14 5.55
CA GLU A 4 -7.13 -1.41 4.45
C GLU A 4 -6.60 -0.08 4.93
N ASN A 5 -5.33 0.17 4.66
CA ASN A 5 -4.74 1.43 5.00
C ASN A 5 -4.23 2.11 3.77
N LEU A 6 -4.26 3.39 3.81
CA LEU A 6 -3.73 4.19 2.72
C LEU A 6 -2.30 4.54 3.06
N SER A 7 -1.39 3.99 2.30
CA SER A 7 0.00 4.20 2.51
C SER A 7 0.44 5.44 1.75
N GLY A 8 1.00 6.40 2.47
CA GLY A 8 1.46 7.61 1.84
C GLY A 8 1.50 8.77 2.81
N THR A 9 0.79 9.82 2.47
CA THR A 9 0.74 11.00 3.32
C THR A 9 -0.05 10.74 4.61
N PHE A 10 -1.22 10.12 4.49
CA PHE A 10 -2.02 9.82 5.66
C PHE A 10 -1.65 8.45 6.18
N LYS A 11 -1.79 8.25 7.48
CA LYS A 11 -1.81 6.91 8.07
C LYS A 11 -0.49 6.16 7.84
N GLY A 12 0.61 6.89 7.71
CA GLY A 12 1.90 6.26 7.52
C GLY A 12 2.32 6.20 6.06
N PRO A 13 3.61 6.42 5.76
CA PRO A 13 4.13 6.44 4.39
C PRO A 13 4.46 5.05 3.86
N CYS A 14 5.17 4.98 2.74
CA CYS A 14 5.53 3.70 2.15
C CYS A 14 6.75 3.86 1.22
N ILE A 15 6.50 4.11 -0.08
CA ILE A 15 7.58 4.21 -1.06
C ILE A 15 7.26 5.23 -2.16
N PRO A 16 8.23 6.07 -2.54
CA PRO A 16 8.02 7.14 -3.51
C PRO A 16 8.29 6.69 -4.95
N ASP A 17 8.22 5.39 -5.18
CA ASP A 17 8.55 4.84 -6.51
C ASP A 17 7.34 4.85 -7.45
N GLY A 18 6.13 4.93 -6.87
CA GLY A 18 4.93 4.97 -7.71
C GLY A 18 4.56 3.62 -8.27
N ASN A 19 4.74 2.60 -7.45
CA ASN A 19 4.56 1.20 -7.83
C ASN A 19 3.75 0.51 -6.75
N CYS A 20 2.76 1.21 -6.24
CA CYS A 20 2.08 0.83 -5.04
C CYS A 20 1.54 -0.60 -5.08
N ASN A 21 0.45 -0.82 -5.80
CA ASN A 21 -0.23 -2.13 -5.80
C ASN A 21 0.72 -3.28 -6.10
N LYS A 22 1.58 -3.11 -7.09
CA LYS A 22 2.50 -4.18 -7.45
C LYS A 22 3.53 -4.44 -6.37
N HIS A 23 3.93 -3.40 -5.62
CA HIS A 23 4.94 -3.58 -4.58
C HIS A 23 4.44 -4.55 -3.51
N CYS A 24 3.33 -4.21 -2.86
CA CYS A 24 2.74 -5.11 -1.88
C CYS A 24 2.55 -6.49 -2.49
N ARG A 25 1.81 -6.56 -3.60
CA ARG A 25 1.39 -7.83 -4.17
C ARG A 25 2.55 -8.72 -4.62
N ASN A 26 3.64 -8.11 -5.03
CA ASN A 26 4.78 -8.87 -5.50
C ASN A 26 5.66 -9.34 -4.35
N ASN A 27 5.88 -8.45 -3.39
CA ASN A 27 6.81 -8.73 -2.30
C ASN A 27 6.13 -9.47 -1.14
N GLU A 28 5.02 -8.93 -0.66
CA GLU A 28 4.34 -9.51 0.49
C GLU A 28 3.03 -10.19 0.07
N HIS A 29 2.56 -9.79 -1.11
CA HIS A 29 1.34 -10.29 -1.73
C HIS A 29 0.11 -9.94 -0.91
N LEU A 30 -0.09 -8.65 -0.68
CA LEU A 30 -1.26 -8.20 0.06
C LEU A 30 -2.47 -8.08 -0.87
N LEU A 31 -3.58 -7.60 -0.35
CA LEU A 31 -4.85 -7.72 -1.06
C LEU A 31 -5.11 -6.56 -2.01
N SER A 32 -5.03 -5.32 -1.52
CA SER A 32 -5.15 -4.19 -2.45
C SER A 32 -3.76 -3.73 -2.83
N GLY A 33 -2.84 -4.01 -1.93
CA GLY A 33 -1.43 -3.92 -2.19
C GLY A 33 -0.91 -2.56 -2.62
N ARG A 34 -1.70 -1.51 -2.51
CA ARG A 34 -1.24 -0.21 -3.00
C ARG A 34 -0.25 0.45 -2.01
N CYS A 35 1.04 0.13 -2.12
CA CYS A 35 2.08 0.79 -1.28
C CYS A 35 2.82 1.96 -1.98
N ARG A 36 2.65 3.18 -1.47
CA ARG A 36 3.40 4.36 -1.96
C ARG A 36 3.57 5.41 -0.87
N ASP A 37 4.44 6.40 -1.12
CA ASP A 37 4.76 7.44 -0.13
C ASP A 37 4.41 8.83 -0.66
N ASP A 38 5.14 9.30 -1.66
CA ASP A 38 4.86 10.60 -2.28
C ASP A 38 3.46 10.60 -2.88
N PHE A 39 3.09 9.43 -3.37
CA PHE A 39 1.77 9.20 -3.92
C PHE A 39 0.96 8.40 -2.89
N ARG A 40 -0.34 8.35 -3.06
CA ARG A 40 -1.18 7.72 -2.04
C ARG A 40 -1.88 6.50 -2.60
N CYS A 41 -1.59 5.37 -2.00
CA CYS A 41 -2.17 4.10 -2.41
C CYS A 41 -2.67 3.26 -1.20
N TRP A 42 -3.88 2.66 -1.29
CA TRP A 42 -4.42 1.78 -0.22
C TRP A 42 -3.93 0.32 -0.31
N CYS A 43 -3.04 -0.11 0.57
CA CYS A 43 -2.68 -1.55 0.61
C CYS A 43 -3.50 -2.24 1.70
N THR A 44 -4.32 -3.18 1.27
CA THR A 44 -5.23 -3.91 2.14
C THR A 44 -4.67 -5.27 2.51
N ASN A 45 -4.83 -5.65 3.79
CA ASN A 45 -4.46 -6.96 4.29
C ASN A 45 -5.26 -7.25 5.56
N ARG A 46 -5.01 -8.37 6.21
CA ARG A 46 -5.77 -8.72 7.40
C ARG A 46 -5.01 -8.32 8.65
N CYS A 47 -5.68 -7.62 9.55
CA CYS A 47 -5.05 -7.19 10.79
C CYS A 47 -5.70 -7.89 11.97
N LYS A 1 -14.46 -4.99 2.92
CA LYS A 1 -13.09 -5.47 2.61
C LYS A 1 -12.33 -5.79 3.88
N THR A 2 -11.03 -5.94 3.75
CA THR A 2 -10.17 -6.28 4.86
C THR A 2 -9.48 -5.04 5.40
N CYS A 3 -8.72 -5.19 6.47
CA CYS A 3 -8.06 -4.07 7.11
C CYS A 3 -7.20 -3.33 6.10
N GLU A 4 -7.59 -2.12 5.77
CA GLU A 4 -6.96 -1.37 4.71
C GLU A 4 -6.52 -0.02 5.20
N ASN A 5 -5.33 0.39 4.83
CA ASN A 5 -4.87 1.71 5.14
C ASN A 5 -4.28 2.33 3.91
N LEU A 6 -4.27 3.64 3.88
CA LEU A 6 -3.72 4.35 2.77
C LEU A 6 -2.24 4.59 3.02
N SER A 7 -1.42 4.08 2.14
CA SER A 7 0.01 4.23 2.21
C SER A 7 0.44 5.45 1.42
N GLY A 8 1.02 6.41 2.12
CA GLY A 8 1.53 7.61 1.48
C GLY A 8 1.97 8.64 2.48
N THR A 9 1.10 8.93 3.43
CA THR A 9 1.35 9.97 4.43
C THR A 9 0.26 9.91 5.49
N PHE A 10 -0.98 9.88 5.01
CA PHE A 10 -2.13 9.64 5.85
C PHE A 10 -2.07 8.18 6.27
N LYS A 11 -2.30 7.89 7.55
CA LYS A 11 -2.06 6.55 8.12
C LYS A 11 -0.58 6.28 8.21
N GLY A 12 0.00 5.95 7.09
CA GLY A 12 1.41 5.66 7.01
C GLY A 12 1.91 5.66 5.58
N PRO A 13 3.22 5.78 5.36
CA PRO A 13 3.83 5.79 4.04
C PRO A 13 4.24 4.38 3.58
N CYS A 14 5.06 4.32 2.52
CA CYS A 14 5.55 3.03 2.02
C CYS A 14 6.79 3.24 1.12
N ILE A 15 6.58 3.63 -0.14
CA ILE A 15 7.69 3.82 -1.09
C ILE A 15 7.39 4.93 -2.11
N PRO A 16 8.33 5.84 -2.37
CA PRO A 16 8.10 7.01 -3.20
C PRO A 16 8.36 6.74 -4.70
N ASP A 17 7.80 5.66 -5.22
CA ASP A 17 8.01 5.32 -6.64
C ASP A 17 6.71 5.36 -7.45
N GLY A 18 5.57 5.27 -6.77
CA GLY A 18 4.29 5.37 -7.46
C GLY A 18 3.75 4.03 -7.92
N ASN A 19 4.54 3.00 -7.75
CA ASN A 19 4.18 1.65 -8.15
C ASN A 19 3.57 0.93 -6.97
N CYS A 20 2.47 1.46 -6.47
CA CYS A 20 1.87 0.98 -5.26
C CYS A 20 1.47 -0.48 -5.35
N ASN A 21 0.67 -0.83 -6.34
CA ASN A 21 0.12 -2.19 -6.44
C ASN A 21 1.22 -3.22 -6.56
N LYS A 22 2.03 -3.13 -7.59
CA LYS A 22 3.02 -4.14 -7.87
C LYS A 22 3.94 -4.36 -6.66
N HIS A 23 4.23 -3.32 -5.90
CA HIS A 23 5.15 -3.47 -4.78
C HIS A 23 4.51 -4.29 -3.67
N CYS A 24 3.38 -3.81 -3.13
CA CYS A 24 2.72 -4.48 -2.02
C CYS A 24 2.44 -5.93 -2.39
N ARG A 25 2.18 -6.15 -3.67
CA ARG A 25 1.75 -7.45 -4.15
C ARG A 25 2.91 -8.37 -4.50
N ASN A 26 4.04 -7.80 -4.89
CA ASN A 26 5.17 -8.61 -5.30
C ASN A 26 6.02 -9.02 -4.10
N ASN A 27 6.33 -8.06 -3.24
CA ASN A 27 7.23 -8.32 -2.13
C ASN A 27 6.47 -8.87 -0.93
N GLU A 28 5.28 -8.35 -0.66
CA GLU A 28 4.54 -8.77 0.52
C GLU A 28 3.30 -9.57 0.13
N HIS A 29 2.85 -9.38 -1.12
CA HIS A 29 1.73 -10.13 -1.67
C HIS A 29 0.47 -9.88 -0.85
N LEU A 30 0.17 -8.62 -0.57
CA LEU A 30 -1.00 -8.26 0.22
C LEU A 30 -2.27 -8.35 -0.61
N LEU A 31 -3.36 -7.81 -0.09
CA LEU A 31 -4.67 -8.03 -0.70
C LEU A 31 -4.99 -7.01 -1.78
N SER A 32 -4.79 -5.74 -1.49
CA SER A 32 -5.12 -4.70 -2.48
C SER A 32 -3.86 -4.09 -3.01
N GLY A 33 -2.88 -4.14 -2.15
CA GLY A 33 -1.53 -3.89 -2.51
C GLY A 33 -1.23 -2.50 -3.01
N ARG A 34 -1.95 -1.50 -2.58
CA ARG A 34 -1.66 -0.15 -3.01
C ARG A 34 -0.55 0.48 -2.12
N CYS A 35 0.71 0.07 -2.30
CA CYS A 35 1.83 0.63 -1.50
C CYS A 35 2.68 1.74 -2.16
N ARG A 36 2.60 2.97 -1.64
CA ARG A 36 3.57 4.01 -2.00
C ARG A 36 3.68 5.09 -0.92
N ASP A 37 4.54 6.08 -1.16
CA ASP A 37 4.87 7.10 -0.16
C ASP A 37 4.57 8.50 -0.68
N ASP A 38 5.40 8.97 -1.62
CA ASP A 38 5.21 10.29 -2.21
C ASP A 38 3.83 10.39 -2.85
N PHE A 39 3.37 9.27 -3.39
CA PHE A 39 2.03 9.14 -3.88
C PHE A 39 1.27 8.27 -2.91
N ARG A 40 -0.05 8.27 -2.93
CA ARG A 40 -0.81 7.57 -1.90
C ARG A 40 -1.73 6.51 -2.51
N CYS A 41 -1.56 5.29 -2.03
CA CYS A 41 -2.36 4.14 -2.45
C CYS A 41 -2.87 3.33 -1.21
N TRP A 42 -4.11 2.81 -1.24
CA TRP A 42 -4.64 1.95 -0.14
C TRP A 42 -4.18 0.47 -0.22
N CYS A 43 -3.22 0.03 0.59
CA CYS A 43 -2.88 -1.40 0.60
C CYS A 43 -3.67 -2.11 1.70
N THR A 44 -4.41 -3.13 1.29
CA THR A 44 -5.30 -3.87 2.18
C THR A 44 -4.67 -5.18 2.60
N ASN A 45 -4.88 -5.53 3.87
CA ASN A 45 -4.41 -6.78 4.45
C ASN A 45 -5.34 -7.14 5.62
N ARG A 46 -4.95 -8.08 6.47
CA ARG A 46 -5.79 -8.43 7.60
C ARG A 46 -5.18 -7.90 8.89
N CYS A 47 -6.00 -7.78 9.91
CA CYS A 47 -5.55 -7.28 11.19
C CYS A 47 -6.28 -7.98 12.32
N LYS A 1 -13.93 -5.45 3.52
CA LYS A 1 -12.47 -5.40 3.35
C LYS A 1 -11.74 -5.90 4.60
N THR A 2 -10.46 -6.10 4.45
CA THR A 2 -9.58 -6.40 5.56
C THR A 2 -8.79 -5.14 5.90
N CYS A 3 -7.94 -5.21 6.91
CA CYS A 3 -7.19 -4.05 7.38
C CYS A 3 -6.54 -3.31 6.22
N GLU A 4 -7.00 -2.10 5.96
CA GLU A 4 -6.54 -1.34 4.82
C GLU A 4 -6.12 0.05 5.26
N ASN A 5 -5.05 0.55 4.68
CA ASN A 5 -4.67 1.92 4.93
C ASN A 5 -4.16 2.56 3.66
N LEU A 6 -4.30 3.85 3.62
CA LEU A 6 -3.81 4.66 2.53
C LEU A 6 -2.44 5.15 2.89
N SER A 7 -1.44 4.69 2.16
CA SER A 7 -0.07 4.98 2.47
C SER A 7 0.38 6.27 1.81
N GLY A 8 1.20 7.04 2.53
CA GLY A 8 1.79 8.23 2.00
C GLY A 8 1.57 9.43 2.89
N THR A 9 1.08 10.51 2.33
CA THR A 9 0.79 11.71 3.09
C THR A 9 -0.32 11.44 4.12
N PHE A 10 -1.15 10.46 3.83
CA PHE A 10 -2.24 10.11 4.71
C PHE A 10 -1.75 9.09 5.68
N LYS A 11 -2.09 9.25 6.94
CA LYS A 11 -1.90 8.19 7.90
C LYS A 11 -0.43 7.78 8.01
N GLY A 12 -0.13 6.60 7.52
CA GLY A 12 1.22 6.09 7.52
C GLY A 12 1.81 6.04 6.11
N PRO A 13 3.11 6.32 5.97
CA PRO A 13 3.79 6.35 4.67
C PRO A 13 4.20 4.96 4.18
N CYS A 14 4.94 4.92 3.07
CA CYS A 14 5.40 3.66 2.50
C CYS A 14 6.65 3.87 1.63
N ILE A 15 6.48 3.94 0.31
CA ILE A 15 7.63 4.06 -0.60
C ILE A 15 7.33 5.02 -1.76
N PRO A 16 8.27 5.90 -2.10
CA PRO A 16 8.03 6.99 -3.04
C PRO A 16 8.23 6.62 -4.51
N ASP A 17 8.30 5.33 -4.81
CA ASP A 17 8.55 4.89 -6.18
C ASP A 17 7.27 4.88 -7.03
N GLY A 18 6.12 4.83 -6.38
CA GLY A 18 4.86 4.83 -7.11
C GLY A 18 4.34 3.43 -7.39
N ASN A 19 5.18 2.49 -7.08
CA ASN A 19 4.92 1.06 -7.28
C ASN A 19 4.04 0.47 -6.19
N CYS A 20 3.00 1.18 -5.80
CA CYS A 20 2.16 0.74 -4.72
C CYS A 20 1.63 -0.67 -4.94
N ASN A 21 1.15 -0.92 -6.14
CA ASN A 21 0.53 -2.21 -6.44
C ASN A 21 1.56 -3.33 -6.42
N LYS A 22 2.55 -3.23 -7.28
CA LYS A 22 3.52 -4.30 -7.39
C LYS A 22 4.34 -4.49 -6.11
N HIS A 23 4.46 -3.45 -5.29
CA HIS A 23 5.14 -3.62 -4.02
C HIS A 23 4.38 -4.59 -3.14
N CYS A 24 3.14 -4.27 -2.81
CA CYS A 24 2.35 -5.13 -1.96
C CYS A 24 2.14 -6.48 -2.61
N ARG A 25 1.73 -6.46 -3.88
CA ARG A 25 1.20 -7.64 -4.54
C ARG A 25 2.30 -8.59 -5.02
N ASN A 26 3.41 -8.05 -5.48
CA ASN A 26 4.48 -8.88 -6.04
C ASN A 26 5.41 -9.36 -4.94
N ASN A 27 5.60 -8.52 -3.92
CA ASN A 27 6.52 -8.85 -2.84
C ASN A 27 5.82 -9.66 -1.76
N GLU A 28 4.70 -9.16 -1.27
CA GLU A 28 4.05 -9.79 -0.12
C GLU A 28 2.72 -10.45 -0.48
N HIS A 29 2.14 -10.01 -1.61
CA HIS A 29 0.90 -10.58 -2.13
C HIS A 29 -0.27 -10.20 -1.21
N LEU A 30 -0.45 -8.91 -0.99
CA LEU A 30 -1.56 -8.45 -0.16
C LEU A 30 -2.84 -8.39 -0.98
N LEU A 31 -3.90 -7.83 -0.42
CA LEU A 31 -5.22 -7.93 -1.04
C LEU A 31 -5.49 -6.79 -2.02
N SER A 32 -5.30 -5.55 -1.58
CA SER A 32 -5.51 -4.42 -2.48
C SER A 32 -4.20 -3.92 -3.05
N GLY A 33 -3.18 -4.13 -2.25
CA GLY A 33 -1.81 -3.94 -2.68
C GLY A 33 -1.46 -2.55 -3.15
N ARG A 34 -1.98 -1.53 -2.50
CA ARG A 34 -1.63 -0.18 -2.87
C ARG A 34 -0.65 0.47 -1.84
N CYS A 35 0.62 0.03 -1.80
CA CYS A 35 1.62 0.67 -0.91
C CYS A 35 2.58 1.66 -1.60
N ARG A 36 2.43 2.97 -1.33
CA ARG A 36 3.45 3.96 -1.73
C ARG A 36 3.41 5.19 -0.82
N ASP A 37 4.35 6.10 -1.03
CA ASP A 37 4.58 7.23 -0.12
C ASP A 37 4.39 8.56 -0.82
N ASP A 38 5.30 8.86 -1.75
CA ASP A 38 5.22 10.09 -2.54
C ASP A 38 3.87 10.18 -3.23
N PHE A 39 3.36 9.02 -3.60
CA PHE A 39 2.02 8.91 -4.15
C PHE A 39 1.17 8.15 -3.14
N ARG A 40 -0.14 8.20 -3.27
CA ARG A 40 -0.99 7.64 -2.22
C ARG A 40 -1.80 6.46 -2.74
N CYS A 41 -1.61 5.31 -2.09
CA CYS A 41 -2.32 4.08 -2.45
C CYS A 41 -2.91 3.37 -1.18
N TRP A 42 -4.08 2.72 -1.30
CA TRP A 42 -4.68 1.90 -0.20
C TRP A 42 -4.25 0.41 -0.24
N CYS A 43 -3.37 -0.05 0.64
CA CYS A 43 -3.04 -1.48 0.63
C CYS A 43 -3.81 -2.21 1.73
N THR A 44 -4.57 -3.21 1.30
CA THR A 44 -5.42 -3.99 2.20
C THR A 44 -4.78 -5.34 2.49
N ASN A 45 -4.84 -5.75 3.75
CA ASN A 45 -4.31 -7.05 4.20
C ASN A 45 -5.01 -7.47 5.49
N ARG A 46 -4.86 -8.73 5.85
CA ARG A 46 -5.49 -9.27 7.05
C ARG A 46 -4.60 -9.06 8.25
N CYS A 47 -5.08 -8.32 9.25
CA CYS A 47 -4.28 -8.06 10.43
C CYS A 47 -4.97 -8.61 11.67
N LYS A 1 -14.43 -5.10 2.46
CA LYS A 1 -12.96 -5.16 2.38
C LYS A 1 -12.36 -5.76 3.63
N THR A 2 -11.06 -5.94 3.58
CA THR A 2 -10.27 -6.34 4.70
C THR A 2 -9.55 -5.11 5.24
N CYS A 3 -8.81 -5.28 6.32
CA CYS A 3 -8.14 -4.16 6.96
C CYS A 3 -7.25 -3.45 5.94
N GLU A 4 -7.64 -2.23 5.61
CA GLU A 4 -6.98 -1.48 4.57
C GLU A 4 -6.60 -0.11 5.07
N ASN A 5 -5.44 0.36 4.64
CA ASN A 5 -5.05 1.71 4.93
C ASN A 5 -4.23 2.28 3.80
N LEU A 6 -4.38 3.55 3.60
CA LEU A 6 -3.59 4.26 2.62
C LEU A 6 -2.18 4.34 3.12
N SER A 7 -1.28 3.67 2.43
CA SER A 7 0.07 3.52 2.90
C SER A 7 0.98 4.54 2.21
N GLY A 8 1.13 5.70 2.83
CA GLY A 8 1.92 6.76 2.25
C GLY A 8 1.94 8.00 3.13
N THR A 9 1.39 9.09 2.63
CA THR A 9 1.39 10.33 3.37
C THR A 9 0.61 10.17 4.69
N PHE A 10 -0.63 9.72 4.61
CA PHE A 10 -1.41 9.44 5.79
C PHE A 10 -1.25 7.97 6.16
N LYS A 11 -1.40 7.64 7.44
CA LYS A 11 -1.46 6.25 7.90
C LYS A 11 -0.11 5.54 7.79
N GLY A 12 0.97 6.31 7.80
CA GLY A 12 2.30 5.74 7.71
C GLY A 12 2.79 5.66 6.27
N PRO A 13 4.08 5.97 6.01
CA PRO A 13 4.62 6.12 4.66
C PRO A 13 4.99 4.80 4.00
N CYS A 14 5.59 4.90 2.81
CA CYS A 14 5.96 3.72 2.05
C CYS A 14 7.11 4.02 1.08
N ILE A 15 6.79 4.37 -0.16
CA ILE A 15 7.82 4.56 -1.20
C ILE A 15 7.37 5.58 -2.24
N PRO A 16 8.28 6.46 -2.69
CA PRO A 16 7.95 7.54 -3.61
C PRO A 16 8.13 7.14 -5.08
N ASP A 17 7.99 5.86 -5.38
CA ASP A 17 8.21 5.37 -6.75
C ASP A 17 6.91 5.28 -7.54
N GLY A 18 5.78 5.21 -6.84
CA GLY A 18 4.49 5.20 -7.53
C GLY A 18 4.00 3.80 -7.86
N ASN A 19 4.83 2.83 -7.59
CA ASN A 19 4.55 1.44 -7.87
C ASN A 19 3.85 0.79 -6.69
N CYS A 20 2.75 1.39 -6.28
CA CYS A 20 2.07 0.97 -5.08
C CYS A 20 1.61 -0.48 -5.17
N ASN A 21 0.86 -0.78 -6.22
CA ASN A 21 0.23 -2.07 -6.34
C ASN A 21 1.25 -3.18 -6.32
N LYS A 22 2.21 -3.12 -7.23
CA LYS A 22 3.16 -4.20 -7.36
C LYS A 22 4.04 -4.31 -6.13
N HIS A 23 4.18 -3.24 -5.35
CA HIS A 23 5.00 -3.31 -4.16
C HIS A 23 4.39 -4.26 -3.15
N CYS A 24 3.22 -3.91 -2.60
CA CYS A 24 2.59 -4.73 -1.57
C CYS A 24 2.24 -6.12 -2.10
N ARG A 25 2.04 -6.24 -3.40
CA ARG A 25 1.59 -7.50 -3.99
C ARG A 25 2.75 -8.41 -4.34
N ASN A 26 3.90 -7.83 -4.69
CA ASN A 26 5.03 -8.64 -5.11
C ASN A 26 5.83 -9.15 -3.92
N ASN A 27 6.12 -8.26 -2.98
CA ASN A 27 6.99 -8.62 -1.87
C ASN A 27 6.22 -9.26 -0.73
N GLU A 28 5.01 -8.77 -0.46
CA GLU A 28 4.23 -9.26 0.66
C GLU A 28 2.97 -9.98 0.18
N HIS A 29 2.58 -9.70 -1.06
CA HIS A 29 1.43 -10.33 -1.68
C HIS A 29 0.16 -10.07 -0.88
N LEU A 30 -0.20 -8.80 -0.76
CA LEU A 30 -1.39 -8.43 -0.01
C LEU A 30 -2.65 -8.55 -0.85
N LEU A 31 -3.74 -8.01 -0.35
CA LEU A 31 -5.04 -8.17 -1.00
C LEU A 31 -5.29 -7.07 -2.02
N SER A 32 -5.08 -5.80 -1.63
CA SER A 32 -5.16 -4.72 -2.61
C SER A 32 -3.79 -4.15 -2.91
N GLY A 33 -2.93 -4.18 -1.90
CA GLY A 33 -1.51 -3.96 -2.08
C GLY A 33 -1.12 -2.63 -2.73
N ARG A 34 -1.82 -1.55 -2.39
CA ARG A 34 -1.52 -0.23 -2.94
C ARG A 34 -0.48 0.54 -2.08
N CYS A 35 0.83 0.24 -2.20
CA CYS A 35 1.85 0.95 -1.38
C CYS A 35 2.64 2.07 -2.09
N ARG A 36 2.41 3.36 -1.72
CA ARG A 36 3.29 4.46 -2.17
C ARG A 36 3.15 5.70 -1.30
N ASP A 37 4.20 6.51 -1.30
CA ASP A 37 4.35 7.65 -0.40
C ASP A 37 4.91 8.85 -1.14
N ASP A 38 3.98 9.59 -1.68
CA ASP A 38 4.18 10.74 -2.55
C ASP A 38 2.98 10.73 -3.46
N PHE A 39 2.61 9.51 -3.78
CA PHE A 39 1.37 9.20 -4.43
C PHE A 39 0.53 8.47 -3.40
N ARG A 40 -0.77 8.31 -3.60
CA ARG A 40 -1.59 7.71 -2.56
C ARG A 40 -2.20 6.39 -3.03
N CYS A 41 -1.85 5.33 -2.33
CA CYS A 41 -2.41 4.01 -2.56
C CYS A 41 -2.78 3.28 -1.23
N TRP A 42 -3.90 2.53 -1.21
CA TRP A 42 -4.33 1.75 -0.02
C TRP A 42 -3.94 0.26 -0.09
N CYS A 43 -3.02 -0.21 0.78
CA CYS A 43 -2.76 -1.65 0.86
C CYS A 43 -3.77 -2.30 1.79
N THR A 44 -4.42 -3.33 1.29
CA THR A 44 -5.42 -4.07 2.07
C THR A 44 -4.87 -5.44 2.44
N ASN A 45 -5.06 -5.80 3.70
CA ASN A 45 -4.69 -7.12 4.22
C ASN A 45 -5.56 -7.40 5.45
N ARG A 46 -5.09 -8.25 6.34
CA ARG A 46 -5.84 -8.58 7.53
C ARG A 46 -5.08 -8.09 8.75
N CYS A 47 -5.75 -7.31 9.58
CA CYS A 47 -5.12 -6.71 10.73
C CYS A 47 -5.22 -7.64 11.94
N LYS A 1 -14.61 -5.58 3.04
CA LYS A 1 -13.17 -5.65 2.70
C LYS A 1 -12.36 -6.07 3.91
N THR A 2 -11.05 -6.11 3.75
CA THR A 2 -10.14 -6.46 4.82
C THR A 2 -9.47 -5.20 5.37
N CYS A 3 -8.66 -5.36 6.41
CA CYS A 3 -7.96 -4.22 7.02
C CYS A 3 -7.18 -3.45 5.95
N GLU A 4 -7.61 -2.24 5.69
CA GLU A 4 -7.04 -1.46 4.61
C GLU A 4 -6.61 -0.09 5.14
N ASN A 5 -5.46 0.36 4.70
CA ASN A 5 -5.01 1.69 5.05
C ASN A 5 -4.35 2.34 3.86
N LEU A 6 -4.38 3.65 3.85
CA LEU A 6 -3.75 4.40 2.79
C LEU A 6 -2.32 4.69 3.17
N SER A 7 -1.41 4.17 2.40
CA SER A 7 -0.01 4.37 2.63
C SER A 7 0.45 5.56 1.81
N GLY A 8 0.91 6.60 2.49
CA GLY A 8 1.37 7.80 1.82
C GLY A 8 1.51 8.95 2.78
N THR A 9 0.81 10.04 2.49
CA THR A 9 0.83 11.20 3.36
C THR A 9 0.10 10.92 4.67
N PHE A 10 -1.04 10.23 4.58
CA PHE A 10 -1.80 9.88 5.76
C PHE A 10 -1.32 8.53 6.24
N LYS A 11 -1.40 8.28 7.55
CA LYS A 11 -1.04 6.99 8.10
C LYS A 11 0.45 6.69 7.89
N GLY A 12 0.78 5.43 7.66
CA GLY A 12 2.15 5.06 7.42
C GLY A 12 2.53 5.14 5.96
N PRO A 13 3.72 5.69 5.65
CA PRO A 13 4.22 5.80 4.28
C PRO A 13 4.77 4.47 3.77
N CYS A 14 5.18 4.44 2.50
CA CYS A 14 5.71 3.23 1.90
C CYS A 14 6.87 3.55 0.95
N ILE A 15 6.56 3.97 -0.27
CA ILE A 15 7.57 4.13 -1.32
C ILE A 15 7.21 5.28 -2.28
N PRO A 16 8.19 6.08 -2.69
CA PRO A 16 7.98 7.24 -3.54
C PRO A 16 8.21 6.94 -5.04
N ASP A 17 7.76 5.78 -5.51
CA ASP A 17 8.01 5.42 -6.91
C ASP A 17 6.72 5.32 -7.74
N GLY A 18 5.58 5.11 -7.07
CA GLY A 18 4.30 5.05 -7.78
C GLY A 18 3.84 3.62 -8.03
N ASN A 19 4.74 2.69 -7.78
CA ASN A 19 4.46 1.26 -7.89
C ASN A 19 3.73 0.72 -6.66
N CYS A 20 2.64 1.37 -6.26
CA CYS A 20 1.91 0.94 -5.09
C CYS A 20 1.45 -0.51 -5.20
N ASN A 21 0.58 -0.75 -6.18
CA ASN A 21 -0.08 -2.05 -6.34
C ASN A 21 0.93 -3.19 -6.35
N LYS A 22 1.86 -3.13 -7.28
CA LYS A 22 2.80 -4.22 -7.49
C LYS A 22 3.76 -4.38 -6.31
N HIS A 23 4.09 -3.31 -5.62
CA HIS A 23 5.05 -3.40 -4.52
C HIS A 23 4.50 -4.29 -3.41
N CYS A 24 3.29 -4.00 -2.95
CA CYS A 24 2.67 -4.85 -1.95
C CYS A 24 2.63 -6.28 -2.45
N ARG A 25 2.05 -6.50 -3.62
CA ARG A 25 1.78 -7.83 -4.10
C ARG A 25 3.01 -8.65 -4.43
N ASN A 26 4.03 -8.00 -4.96
CA ASN A 26 5.24 -8.71 -5.35
C ASN A 26 6.10 -9.02 -4.14
N ASN A 27 6.15 -8.08 -3.22
CA ASN A 27 6.99 -8.23 -2.05
C ASN A 27 6.27 -8.95 -0.92
N GLU A 28 5.09 -8.49 -0.56
CA GLU A 28 4.39 -9.02 0.61
C GLU A 28 3.12 -9.79 0.22
N HIS A 29 2.60 -9.48 -0.97
CA HIS A 29 1.45 -10.16 -1.56
C HIS A 29 0.18 -9.85 -0.79
N LEU A 30 -0.09 -8.56 -0.60
CA LEU A 30 -1.28 -8.16 0.12
C LEU A 30 -2.50 -8.11 -0.80
N LEU A 31 -3.62 -7.66 -0.26
CA LEU A 31 -4.90 -7.82 -0.93
C LEU A 31 -5.21 -6.66 -1.88
N SER A 32 -5.13 -5.42 -1.42
CA SER A 32 -5.35 -4.28 -2.31
C SER A 32 -4.01 -3.82 -2.87
N GLY A 33 -2.97 -4.13 -2.12
CA GLY A 33 -1.62 -3.93 -2.55
C GLY A 33 -1.22 -2.50 -2.89
N ARG A 34 -2.03 -1.52 -2.56
CA ARG A 34 -1.70 -0.14 -2.90
C ARG A 34 -0.63 0.45 -1.94
N CYS A 35 0.65 0.09 -2.12
CA CYS A 35 1.72 0.63 -1.26
C CYS A 35 2.53 1.81 -1.87
N ARG A 36 2.40 3.04 -1.32
CA ARG A 36 3.29 4.16 -1.71
C ARG A 36 3.53 5.16 -0.56
N ASP A 37 4.33 6.18 -0.87
CA ASP A 37 4.70 7.25 0.08
C ASP A 37 4.48 8.62 -0.54
N ASP A 38 5.31 8.95 -1.54
CA ASP A 38 5.17 10.21 -2.29
C ASP A 38 3.77 10.31 -2.87
N PHE A 39 3.38 9.24 -3.54
CA PHE A 39 2.02 9.06 -3.99
C PHE A 39 1.30 8.24 -2.93
N ARG A 40 -0.02 8.23 -2.94
CA ARG A 40 -0.74 7.56 -1.88
C ARG A 40 -1.67 6.48 -2.43
N CYS A 41 -1.49 5.27 -1.92
CA CYS A 41 -2.29 4.12 -2.32
C CYS A 41 -2.82 3.33 -1.06
N TRP A 42 -4.06 2.80 -1.11
CA TRP A 42 -4.62 1.94 -0.02
C TRP A 42 -4.22 0.44 -0.16
N CYS A 43 -3.27 -0.05 0.64
CA CYS A 43 -2.95 -1.48 0.60
C CYS A 43 -3.71 -2.21 1.70
N THR A 44 -4.41 -3.27 1.31
CA THR A 44 -5.30 -4.01 2.21
C THR A 44 -4.72 -5.36 2.56
N ASN A 45 -4.96 -5.80 3.80
CA ASN A 45 -4.52 -7.11 4.30
C ASN A 45 -5.38 -7.47 5.51
N ARG A 46 -5.09 -8.60 6.14
CA ARG A 46 -5.82 -8.98 7.34
C ARG A 46 -4.98 -8.60 8.55
N CYS A 47 -5.49 -7.71 9.37
CA CYS A 47 -4.73 -7.19 10.51
C CYS A 47 -4.96 -8.06 11.74
#